data_9AZT
#
_entry.id   9AZT
#
_cell.length_a   80.752
_cell.length_b   91.700
_cell.length_c   110.102
_cell.angle_alpha   90.000
_cell.angle_beta   90.000
_cell.angle_gamma   90.000
#
_symmetry.space_group_name_H-M   'P 21 21 2'
#
loop_
_entity.id
_entity.type
_entity.pdbx_description
1 polymer 'Hemagglutinin HA1 chain'
2 polymer 'CH67 Fab heavy chain'
3 polymer 'CH67 Fab light chain'
4 branched 2-acetamido-2-deoxy-beta-D-glucopyranose-(1-4)-2-acetamido-2-deoxy-beta-D-glucopyranose
5 non-polymer 2-acetamido-2-deoxy-beta-D-glucopyranose
#
loop_
_entity_poly.entity_id
_entity_poly.type
_entity_poly.pdbx_seq_one_letter_code
_entity_poly.pdbx_strand_id
1 'polypeptide(L)'
;APLQLGNCSIAGWILGNPECESLFSKESWSYIAETPNSENGTCYPGYFADYEELREQLSSVSSFERFEIFPKESSWPNHT
VTKGVTASCSHNGKSSFYRNLLWLTEKNGLYPNLSKSYVNNKEKEVLVLWGVHHPSNIEDQRAIYHTENAYVSVVSSHYS
RRFTPEIAKRPKVRDQEGRINYYWTLLEPGDTIIFEANGNLIAPWYAFALSRGGAGSSLEVLFQ
;
E
2 'polypeptide(L)'
;QVQLVQSGAEVRKPGASVKVSCKASGYTFTDNYIHWVRQAPGQGLEWMGWIHPNSGATKYAQKFEGWVTMTRDTSISTVY
MELSRSRSDDTAVYYCARAGLEPRSVDYYFYGLDVWGQGTAVTVSGASTKGPSVFPLAPSSKSTSGGTAALGCLVKDYFP
EPVTVSWNSGALTSGVHTFPAVLQSSGLYSLSSVVTVPSSSLGTQTYICNVNHKPSNTKVDKRVEPKSCDKGSSLEVLFQ
GPLGHHHHHH
;
H
3 'polypeptide(L)'
;QSVLTQPPSVSVAPGQTATITCGGNNIGRKRVDWFQQKPGQAPVLVVYEDSDRPSGIPERFSDSNSGTTATLTISRVEAG
DEADYYCQVWDSDSDHVVFGGGTKLTVLGQPKAAPSVTLFPPSSEELQANKATLVCLISDFYPGAVTVAWKADSSPVKAG
VETTTPSKQSNNKYAASSYLSLTPEQWKSHRSYSCQVTHEGSTVEKTVAPTECS
;
L
#
# COMPACT_ATOMS: atom_id res chain seq x y z
N ALA A 1 42.71 10.74 -40.70
CA ALA A 1 42.59 10.51 -39.27
C ALA A 1 41.30 9.76 -38.93
N PRO A 2 41.43 8.60 -38.27
CA PRO A 2 40.25 7.83 -37.89
C PRO A 2 39.56 8.38 -36.65
N LEU A 3 38.57 7.65 -36.13
CA LEU A 3 37.76 8.11 -35.00
C LEU A 3 37.92 7.26 -33.74
N GLN A 4 38.43 6.04 -33.85
CA GLN A 4 38.69 5.12 -32.72
C GLN A 4 37.51 5.06 -31.75
N LEU A 5 36.46 4.38 -32.21
CA LEU A 5 35.29 4.17 -31.37
C LEU A 5 35.46 3.04 -30.37
N GLY A 6 36.35 2.09 -30.63
CA GLY A 6 36.60 1.01 -29.67
C GLY A 6 35.41 0.07 -29.59
N ASN A 7 34.97 -0.22 -28.36
CA ASN A 7 33.83 -1.10 -28.15
C ASN A 7 32.51 -0.47 -28.55
N CYS A 8 32.48 0.83 -28.84
CA CYS A 8 31.26 1.53 -29.16
C CYS A 8 30.94 1.41 -30.64
N SER A 9 29.65 1.27 -30.94
CA SER A 9 29.17 1.35 -32.31
C SER A 9 28.88 2.80 -32.67
N ILE A 10 28.64 3.04 -33.96
CA ILE A 10 28.29 4.40 -34.39
C ILE A 10 26.96 4.81 -33.76
N ALA A 11 25.98 3.89 -33.73
CA ALA A 11 24.70 4.19 -33.11
C ALA A 11 24.86 4.51 -31.63
N GLY A 12 25.72 3.77 -30.93
CA GLY A 12 26.00 4.09 -29.54
C GLY A 12 26.70 5.43 -29.37
N TRP A 13 27.69 5.71 -30.22
CA TRP A 13 28.43 6.96 -30.12
C TRP A 13 27.59 8.15 -30.55
N ILE A 14 26.81 8.00 -31.63
CA ILE A 14 26.02 9.10 -32.17
C ILE A 14 24.97 9.58 -31.18
N LEU A 15 24.62 8.76 -30.19
CA LEU A 15 23.51 9.06 -29.29
C LEU A 15 23.93 9.48 -27.89
N GLY A 16 25.13 9.12 -27.45
CA GLY A 16 25.57 9.49 -26.11
C GLY A 16 25.41 8.37 -25.10
N ASN A 17 25.84 7.17 -25.46
CA ASN A 17 25.84 6.06 -24.52
C ASN A 17 26.74 6.40 -23.34
N PRO A 18 26.31 6.11 -22.10
CA PRO A 18 27.07 6.61 -20.94
C PRO A 18 28.47 6.02 -20.84
N GLU A 19 28.61 4.70 -20.98
CA GLU A 19 29.94 4.10 -21.00
C GLU A 19 30.70 4.40 -22.29
N CYS A 20 30.02 4.95 -23.30
CA CYS A 20 30.73 5.38 -24.50
C CYS A 20 31.49 6.68 -24.25
N GLU A 21 30.77 7.75 -23.93
CA GLU A 21 31.21 9.13 -24.11
C GLU A 21 32.56 9.41 -23.45
N SER A 22 33.01 8.51 -22.57
CA SER A 22 34.24 8.71 -21.83
C SER A 22 35.49 8.78 -22.71
N LEU A 23 35.41 8.42 -24.00
CA LEU A 23 36.62 8.27 -24.81
C LEU A 23 36.64 9.03 -26.13
N PHE A 24 35.62 9.81 -26.48
CA PHE A 24 35.57 10.44 -27.80
C PHE A 24 35.53 11.96 -27.69
N SER A 25 36.41 12.62 -28.44
CA SER A 25 36.41 14.07 -28.59
C SER A 25 37.29 14.48 -29.76
N LYS A 26 36.73 14.47 -30.97
CA LYS A 26 37.46 14.82 -32.19
C LYS A 26 36.62 15.80 -32.99
N GLU A 27 37.29 16.53 -33.89
CA GLU A 27 36.63 17.51 -34.74
C GLU A 27 36.77 17.20 -36.23
N SER A 28 37.95 16.81 -36.69
CA SER A 28 38.20 16.53 -38.10
C SER A 28 38.75 15.11 -38.23
N TRP A 29 37.92 14.19 -38.71
CA TRP A 29 38.32 12.81 -38.91
C TRP A 29 37.93 12.37 -40.31
N SER A 30 38.32 11.14 -40.67
CA SER A 30 38.01 10.58 -41.98
C SER A 30 37.57 9.13 -41.95
N TYR A 31 38.00 8.32 -40.97
CA TYR A 31 37.65 6.91 -40.93
C TYR A 31 36.81 6.59 -39.69
N ILE A 32 36.79 5.33 -39.28
CA ILE A 32 35.86 4.89 -38.25
C ILE A 32 36.56 4.22 -37.08
N ALA A 33 37.45 3.25 -37.36
CA ALA A 33 38.12 2.44 -36.33
C ALA A 33 37.10 1.96 -35.29
N GLU A 34 36.14 1.18 -35.75
CA GLU A 34 34.98 0.78 -34.98
C GLU A 34 34.77 -0.73 -35.10
N THR A 35 34.19 -1.31 -34.05
CA THR A 35 33.84 -2.73 -34.03
C THR A 35 32.33 -2.89 -34.05
N PRO A 36 31.76 -3.62 -35.01
CA PRO A 36 30.29 -3.71 -35.10
C PRO A 36 29.64 -4.28 -33.85
N ASN A 37 30.36 -5.10 -33.08
CA ASN A 37 29.82 -5.60 -31.82
C ASN A 37 29.54 -4.44 -30.88
N SER A 38 28.27 -4.24 -30.55
CA SER A 38 27.86 -3.11 -29.72
C SER A 38 27.88 -3.51 -28.24
N GLU A 39 29.10 -3.68 -27.73
CA GLU A 39 29.28 -3.73 -26.29
C GLU A 39 28.80 -2.45 -25.63
N ASN A 40 28.77 -1.34 -26.38
CA ASN A 40 28.36 -0.03 -25.91
C ASN A 40 27.58 0.62 -27.06
N GLY A 41 26.34 0.18 -27.24
CA GLY A 41 25.52 0.69 -28.32
C GLY A 41 24.22 1.31 -27.87
N THR A 42 23.11 0.83 -28.42
CA THR A 42 21.78 1.28 -27.99
C THR A 42 21.46 0.59 -26.69
N CYS A 43 21.74 1.27 -25.57
CA CYS A 43 21.47 0.70 -24.25
C CYS A 43 19.98 0.43 -24.06
N TYR A 44 19.13 1.18 -24.76
CA TYR A 44 17.71 0.89 -24.82
C TYR A 44 17.37 0.26 -26.15
N PRO A 45 16.71 -0.89 -26.17
CA PRO A 45 16.49 -1.60 -27.44
C PRO A 45 15.57 -0.83 -28.37
N GLY A 46 15.82 -0.99 -29.67
CA GLY A 46 15.03 -0.32 -30.68
C GLY A 46 15.71 -0.39 -32.03
N TYR A 47 15.14 0.36 -32.97
CA TYR A 47 15.59 0.38 -34.35
C TYR A 47 16.09 1.78 -34.70
N PHE A 48 17.29 1.86 -35.28
CA PHE A 48 17.88 3.11 -35.75
C PHE A 48 17.55 3.26 -37.22
N ALA A 49 16.60 4.14 -37.54
CA ALA A 49 16.15 4.30 -38.91
C ALA A 49 17.23 4.94 -39.77
N ASP A 50 17.35 4.44 -41.00
CA ASP A 50 18.35 4.92 -41.96
C ASP A 50 19.75 4.94 -41.35
N TYR A 51 20.02 3.94 -40.50
CA TYR A 51 21.34 3.81 -39.91
C TYR A 51 22.41 3.74 -40.98
N GLU A 52 22.23 2.83 -41.96
CA GLU A 52 23.23 2.63 -43.00
C GLU A 52 23.52 3.92 -43.75
N GLU A 53 22.49 4.69 -44.07
CA GLU A 53 22.71 5.98 -44.69
C GLU A 53 23.48 6.91 -43.77
N LEU A 54 23.19 6.85 -42.47
CA LEU A 54 23.78 7.80 -41.52
C LEU A 54 25.27 7.55 -41.31
N ARG A 55 25.73 6.29 -41.39
CA ARG A 55 27.16 6.04 -41.29
C ARG A 55 27.93 6.62 -42.47
N GLU A 56 27.37 6.54 -43.67
CA GLU A 56 28.04 7.11 -44.84
C GLU A 56 28.22 8.61 -44.68
N GLN A 57 27.17 9.31 -44.26
CA GLN A 57 27.23 10.76 -44.17
C GLN A 57 28.16 11.21 -43.03
N LEU A 58 28.15 10.51 -41.90
CA LEU A 58 29.07 10.92 -40.84
C LEU A 58 30.52 10.68 -41.23
N SER A 59 30.78 9.63 -42.00
CA SER A 59 32.16 9.33 -42.36
C SER A 59 32.75 10.47 -43.16
N SER A 60 34.00 10.82 -42.85
CA SER A 60 34.72 11.91 -43.49
C SER A 60 33.98 13.24 -43.34
N VAL A 61 34.22 13.93 -42.21
CA VAL A 61 33.67 15.26 -41.97
C VAL A 61 34.80 16.16 -41.50
N SER A 62 34.79 17.41 -41.99
CA SER A 62 35.83 18.36 -41.62
C SER A 62 35.58 18.97 -40.23
N SER A 63 34.33 19.24 -39.90
CA SER A 63 33.99 19.93 -38.65
C SER A 63 32.98 19.11 -37.86
N PHE A 64 33.08 19.23 -36.54
CA PHE A 64 32.18 18.51 -35.62
C PHE A 64 31.95 19.42 -34.42
N GLU A 65 30.77 20.02 -34.34
CA GLU A 65 30.42 20.93 -33.26
C GLU A 65 29.20 20.39 -32.53
N ARG A 66 29.34 20.17 -31.23
CA ARG A 66 28.24 19.70 -30.38
C ARG A 66 27.72 20.88 -29.58
N PHE A 67 26.44 21.18 -29.74
CA PHE A 67 25.83 22.34 -29.09
C PHE A 67 24.44 21.96 -28.60
N GLU A 68 23.96 22.69 -27.60
CA GLU A 68 22.68 22.41 -26.97
C GLU A 68 21.56 22.90 -27.87
N ILE A 69 20.94 21.97 -28.61
CA ILE A 69 19.83 22.33 -29.48
C ILE A 69 18.63 22.81 -28.67
N PHE A 70 18.33 22.14 -27.56
CA PHE A 70 17.25 22.53 -26.67
C PHE A 70 17.78 22.40 -25.25
N PRO A 71 18.12 23.50 -24.58
CA PRO A 71 18.58 23.41 -23.19
C PRO A 71 17.56 22.71 -22.32
N LYS A 72 18.03 21.76 -21.51
CA LYS A 72 17.12 20.97 -20.70
C LYS A 72 16.45 21.82 -19.63
N GLU A 73 17.13 22.85 -19.13
CA GLU A 73 16.57 23.66 -18.05
C GLU A 73 15.52 24.64 -18.55
N SER A 74 15.62 25.11 -19.79
CA SER A 74 14.78 26.19 -20.29
C SER A 74 13.72 25.76 -21.29
N SER A 75 13.98 24.73 -22.10
CA SER A 75 13.11 24.44 -23.22
C SER A 75 11.80 23.78 -22.82
N TRP A 76 11.78 23.05 -21.70
CA TRP A 76 10.62 22.24 -21.32
C TRP A 76 10.17 22.60 -19.91
N PRO A 77 9.54 23.77 -19.73
CA PRO A 77 9.10 24.16 -18.39
C PRO A 77 7.89 23.38 -17.90
N ASN A 78 7.00 22.95 -18.81
CA ASN A 78 5.76 22.28 -18.45
C ASN A 78 5.88 20.76 -18.46
N HIS A 79 7.09 20.23 -18.57
CA HIS A 79 7.31 18.79 -18.55
C HIS A 79 8.47 18.47 -17.61
N THR A 80 8.53 17.20 -17.20
CA THR A 80 9.57 16.73 -16.29
C THR A 80 10.75 16.20 -17.08
N VAL A 81 11.95 16.63 -16.70
CA VAL A 81 13.17 16.24 -17.41
C VAL A 81 14.10 15.40 -16.55
N THR A 82 13.79 15.20 -15.27
CA THR A 82 14.70 14.54 -14.34
C THR A 82 14.39 13.07 -14.11
N LYS A 83 13.26 12.57 -14.61
CA LYS A 83 12.83 11.20 -14.33
C LYS A 83 13.04 10.25 -15.49
N GLY A 84 13.61 10.72 -16.61
CA GLY A 84 13.84 9.86 -17.75
C GLY A 84 15.14 9.08 -17.67
N VAL A 85 15.27 8.25 -16.63
CA VAL A 85 16.45 7.42 -16.44
C VAL A 85 16.01 5.97 -16.33
N THR A 86 16.91 5.05 -16.72
CA THR A 86 16.62 3.63 -16.68
C THR A 86 17.89 2.86 -16.32
N ALA A 87 17.68 1.65 -15.81
CA ALA A 87 18.80 0.77 -15.49
C ALA A 87 19.41 0.13 -16.73
N SER A 88 18.68 0.11 -17.85
CA SER A 88 19.26 -0.40 -19.09
C SER A 88 20.42 0.47 -19.56
N CYS A 89 20.43 1.74 -19.18
CA CYS A 89 21.52 2.66 -19.50
C CYS A 89 22.24 3.12 -18.24
N SER A 90 22.35 2.24 -17.26
CA SER A 90 22.97 2.61 -15.99
C SER A 90 24.46 2.84 -16.16
N HIS A 91 24.99 3.83 -15.43
CA HIS A 91 26.40 4.19 -15.46
C HIS A 91 26.88 4.37 -14.03
N ASN A 92 28.06 3.83 -13.73
CA ASN A 92 28.69 3.90 -12.40
C ASN A 92 27.73 3.48 -11.30
N GLY A 93 26.89 2.48 -11.62
CA GLY A 93 25.94 1.94 -10.66
C GLY A 93 24.66 2.73 -10.51
N LYS A 94 24.49 3.83 -11.25
CA LYS A 94 23.31 4.67 -11.15
C LYS A 94 22.64 4.73 -12.51
N SER A 95 21.30 4.71 -12.50
CA SER A 95 20.54 4.74 -13.74
C SER A 95 20.78 6.06 -14.48
N SER A 96 20.93 5.97 -15.79
CA SER A 96 21.26 7.13 -16.61
C SER A 96 20.58 7.00 -17.97
N PHE A 97 20.88 7.93 -18.87
CA PHE A 97 20.29 7.95 -20.20
C PHE A 97 21.29 8.59 -21.16
N TYR A 98 20.87 8.73 -22.41
CA TYR A 98 21.74 9.30 -23.44
C TYR A 98 22.11 10.74 -23.10
N ARG A 99 23.37 11.09 -23.35
CA ARG A 99 23.86 12.44 -23.10
C ARG A 99 23.38 13.45 -24.14
N ASN A 100 22.84 13.00 -25.26
CA ASN A 100 22.42 13.89 -26.34
C ASN A 100 20.90 13.90 -26.54
N LEU A 101 20.16 13.11 -25.79
CA LEU A 101 18.70 13.05 -25.89
C LEU A 101 18.08 13.34 -24.52
N LEU A 102 16.75 13.44 -24.51
CA LEU A 102 16.03 13.82 -23.30
C LEU A 102 14.67 13.14 -23.28
N TRP A 103 14.36 12.49 -22.15
CA TRP A 103 13.11 11.73 -22.00
C TRP A 103 12.14 12.58 -21.18
N LEU A 104 11.22 13.25 -21.87
CA LEU A 104 10.20 14.06 -21.20
C LEU A 104 9.12 13.16 -20.61
N THR A 105 8.77 13.42 -19.35
CA THR A 105 7.68 12.74 -18.67
C THR A 105 6.71 13.79 -18.13
N GLU A 106 5.61 13.31 -17.56
CA GLU A 106 4.55 14.19 -17.10
C GLU A 106 5.01 15.03 -15.91
N LYS A 107 4.48 16.25 -15.83
CA LYS A 107 4.72 17.16 -14.72
C LYS A 107 3.37 17.59 -14.14
N ASN A 108 3.21 17.41 -12.83
CA ASN A 108 1.98 17.79 -12.11
C ASN A 108 0.74 17.14 -12.71
N GLY A 109 0.86 15.85 -13.04
CA GLY A 109 -0.28 15.11 -13.57
C GLY A 109 -0.81 15.63 -14.89
N LEU A 110 0.06 16.14 -15.75
CA LEU A 110 -0.36 16.67 -17.04
C LEU A 110 0.81 16.58 -18.00
N TYR A 111 0.49 16.31 -19.27
CA TYR A 111 1.47 16.32 -20.36
C TYR A 111 0.90 17.24 -21.45
N PRO A 112 1.13 18.55 -21.34
CA PRO A 112 0.55 19.48 -22.30
C PRO A 112 1.10 19.28 -23.70
N ASN A 113 0.31 19.70 -24.68
CA ASN A 113 0.79 19.73 -26.05
C ASN A 113 2.07 20.56 -26.11
N LEU A 114 3.11 20.02 -26.74
CA LEU A 114 4.39 20.69 -26.84
C LEU A 114 4.64 21.12 -28.27
N SER A 115 5.22 22.31 -28.42
CA SER A 115 5.62 22.83 -29.73
C SER A 115 6.93 23.59 -29.56
N LYS A 116 7.99 23.07 -30.17
CA LYS A 116 9.31 23.69 -30.09
C LYS A 116 10.01 23.50 -31.42
N SER A 117 11.01 24.34 -31.68
CA SER A 117 11.64 24.35 -32.99
C SER A 117 13.02 24.98 -32.92
N TYR A 118 13.83 24.69 -33.94
CA TYR A 118 15.14 25.31 -34.14
C TYR A 118 15.21 25.82 -35.56
N VAL A 119 15.56 27.10 -35.71
CA VAL A 119 15.84 27.73 -37.00
C VAL A 119 17.35 27.71 -37.21
N ASN A 120 17.83 26.85 -38.11
CA ASN A 120 19.27 26.64 -38.30
C ASN A 120 19.95 27.93 -38.75
N ASN A 121 20.56 28.63 -37.79
CA ASN A 121 21.32 29.84 -38.07
C ASN A 121 22.82 29.60 -38.12
N LYS A 122 23.27 28.36 -37.86
CA LYS A 122 24.69 28.06 -37.76
C LYS A 122 25.41 28.09 -39.10
N GLU A 123 24.67 28.21 -40.22
CA GLU A 123 25.21 28.29 -41.57
C GLU A 123 25.81 26.95 -42.01
N LYS A 124 25.96 26.02 -41.07
CA LYS A 124 26.42 24.67 -41.36
C LYS A 124 25.24 23.69 -41.26
N GLU A 125 25.40 22.55 -41.92
CA GLU A 125 24.38 21.51 -41.86
C GLU A 125 24.38 20.85 -40.49
N VAL A 126 23.19 20.65 -39.94
CA VAL A 126 23.01 20.20 -38.56
C VAL A 126 22.39 18.83 -38.54
N LEU A 127 22.88 17.98 -37.63
CA LEU A 127 22.35 16.64 -37.42
C LEU A 127 21.44 16.65 -36.20
N VAL A 128 20.18 16.28 -36.40
CA VAL A 128 19.17 16.30 -35.35
C VAL A 128 18.68 14.87 -35.13
N LEU A 129 18.68 14.44 -33.87
CA LEU A 129 18.35 13.06 -33.50
C LEU A 129 17.21 13.07 -32.49
N TRP A 130 16.21 12.22 -32.73
CA TRP A 130 15.08 12.11 -31.81
C TRP A 130 14.58 10.67 -31.80
N GLY A 131 13.89 10.30 -30.72
CA GLY A 131 13.34 8.98 -30.59
C GLY A 131 11.88 9.03 -30.17
N VAL A 132 11.19 7.92 -30.41
CA VAL A 132 9.78 7.76 -30.09
C VAL A 132 9.61 6.51 -29.24
N HIS A 133 9.12 6.69 -28.02
CA HIS A 133 9.02 5.59 -27.08
C HIS A 133 7.79 4.73 -27.37
N HIS A 134 7.99 3.41 -27.34
CA HIS A 134 6.89 2.44 -27.49
C HIS A 134 6.84 1.60 -26.22
N PRO A 135 5.94 1.90 -25.29
CA PRO A 135 5.94 1.20 -24.00
C PRO A 135 5.34 -0.20 -24.09
N SER A 136 5.68 -1.01 -23.10
CA SER A 136 5.25 -2.40 -23.08
C SER A 136 3.76 -2.53 -22.75
N ASN A 137 3.29 -1.79 -21.75
CA ASN A 137 1.91 -1.92 -21.29
C ASN A 137 1.24 -0.56 -21.26
N ILE A 138 -0.09 -0.57 -21.41
CA ILE A 138 -0.86 0.66 -21.51
C ILE A 138 -0.79 1.45 -20.21
N GLU A 139 -0.65 0.76 -19.07
CA GLU A 139 -0.66 1.42 -17.78
C GLU A 139 0.59 2.26 -17.57
N ASP A 140 1.76 1.74 -18.00
CA ASP A 140 2.97 2.56 -17.94
C ASP A 140 2.84 3.78 -18.85
N GLN A 141 2.28 3.59 -20.05
CA GLN A 141 2.08 4.72 -20.96
C GLN A 141 1.17 5.77 -20.34
N ARG A 142 0.08 5.33 -19.70
CA ARG A 142 -0.83 6.29 -19.06
C ARG A 142 -0.17 7.01 -17.89
N ALA A 143 0.65 6.29 -17.12
CA ALA A 143 1.31 6.91 -15.98
C ALA A 143 2.29 7.99 -16.41
N ILE A 144 3.06 7.74 -17.47
CA ILE A 144 4.13 8.65 -17.86
C ILE A 144 3.63 9.77 -18.76
N TYR A 145 2.69 9.46 -19.67
CA TYR A 145 2.25 10.43 -20.67
C TYR A 145 0.78 10.79 -20.61
N HIS A 146 -0.02 10.10 -19.78
CA HIS A 146 -1.42 10.41 -19.55
C HIS A 146 -2.30 10.14 -20.76
N THR A 147 -2.01 10.75 -21.90
CA THR A 147 -2.80 10.51 -23.10
C THR A 147 -2.59 9.08 -23.59
N GLU A 148 -3.68 8.45 -24.04
CA GLU A 148 -3.62 7.09 -24.56
C GLU A 148 -3.57 7.03 -26.08
N ASN A 149 -3.76 8.15 -26.76
CA ASN A 149 -3.63 8.22 -28.22
C ASN A 149 -2.50 9.19 -28.55
N ALA A 150 -1.28 8.79 -28.23
CA ALA A 150 -0.13 9.68 -28.35
C ALA A 150 0.26 9.88 -29.81
N TYR A 151 0.82 11.05 -30.09
CA TYR A 151 1.32 11.37 -31.42
C TYR A 151 2.61 12.18 -31.30
N VAL A 152 3.50 12.00 -32.27
CA VAL A 152 4.73 12.78 -32.38
C VAL A 152 4.84 13.27 -33.81
N SER A 153 5.01 14.58 -33.98
CA SER A 153 5.08 15.19 -35.31
C SER A 153 6.38 15.95 -35.44
N VAL A 154 7.14 15.62 -36.49
CA VAL A 154 8.38 16.33 -36.84
C VAL A 154 8.21 16.84 -38.27
N VAL A 155 8.29 18.15 -38.44
CA VAL A 155 8.01 18.79 -39.72
C VAL A 155 9.14 19.75 -40.06
N SER A 156 9.65 19.63 -41.28
CA SER A 156 10.60 20.58 -41.85
C SER A 156 10.38 20.60 -43.36
N SER A 157 11.00 21.59 -44.02
CA SER A 157 10.84 21.69 -45.47
C SER A 157 11.45 20.49 -46.18
N HIS A 158 12.45 19.85 -45.57
CA HIS A 158 13.09 18.68 -46.15
C HIS A 158 12.59 17.37 -45.57
N TYR A 159 12.05 17.38 -44.36
CA TYR A 159 11.62 16.16 -43.67
C TYR A 159 10.26 16.39 -43.04
N SER A 160 9.35 15.44 -43.24
CA SER A 160 8.00 15.54 -42.69
C SER A 160 7.46 14.13 -42.44
N ARG A 161 7.14 13.83 -41.18
CA ARG A 161 6.69 12.50 -40.79
C ARG A 161 6.05 12.59 -39.41
N ARG A 162 4.88 11.95 -39.25
CA ARG A 162 4.13 11.95 -38.01
C ARG A 162 4.08 10.54 -37.43
N PHE A 163 4.59 10.39 -36.22
CA PHE A 163 4.68 9.08 -35.57
C PHE A 163 3.51 8.87 -34.62
N THR A 164 2.94 7.66 -34.65
CA THR A 164 1.87 7.26 -33.74
C THR A 164 2.32 6.04 -32.94
N PRO A 165 2.79 6.22 -31.71
CA PRO A 165 3.27 5.07 -30.94
C PRO A 165 2.14 4.14 -30.52
N GLU A 166 2.51 2.88 -30.30
CA GLU A 166 1.58 1.82 -29.92
C GLU A 166 2.18 1.02 -28.77
N ILE A 167 1.31 0.35 -28.02
CA ILE A 167 1.72 -0.39 -26.83
C ILE A 167 1.97 -1.84 -27.22
N ALA A 168 3.23 -2.28 -27.13
CA ALA A 168 3.57 -3.62 -27.58
C ALA A 168 4.48 -4.34 -26.58
N LYS A 169 4.21 -5.63 -26.41
CA LYS A 169 4.98 -6.50 -25.52
C LYS A 169 6.01 -7.22 -26.40
N ARG A 170 7.26 -6.76 -26.35
CA ARG A 170 8.33 -7.33 -27.17
C ARG A 170 9.31 -8.13 -26.31
N PRO A 171 9.91 -9.18 -26.85
CA PRO A 171 10.82 -10.02 -26.05
C PRO A 171 11.84 -9.19 -25.28
N LYS A 172 12.14 -9.64 -24.06
CA LYS A 172 12.97 -8.87 -23.14
C LYS A 172 14.38 -8.72 -23.67
N VAL A 173 14.80 -7.47 -23.89
CA VAL A 173 16.17 -7.14 -24.30
C VAL A 173 16.72 -6.14 -23.29
N ARG A 174 17.86 -6.49 -22.69
CA ARG A 174 18.48 -5.67 -21.64
C ARG A 174 17.50 -5.36 -20.52
N ASP A 175 16.73 -6.39 -20.15
CA ASP A 175 15.72 -6.28 -19.09
C ASP A 175 14.70 -5.19 -19.39
N GLN A 176 14.28 -5.09 -20.65
CA GLN A 176 13.30 -4.08 -21.02
C GLN A 176 12.40 -4.59 -22.12
N GLU A 177 11.09 -4.58 -21.85
CA GLU A 177 10.10 -4.98 -22.85
C GLU A 177 9.81 -3.86 -23.83
N GLY A 178 9.83 -2.60 -23.37
CA GLY A 178 9.53 -1.48 -24.24
C GLY A 178 10.68 -1.13 -25.17
N ARG A 179 10.36 -0.28 -26.16
CA ARG A 179 11.32 0.12 -27.17
C ARG A 179 11.18 1.60 -27.48
N ILE A 180 12.32 2.26 -27.74
CA ILE A 180 12.36 3.52 -28.48
C ILE A 180 12.91 3.24 -29.86
N ASN A 181 12.28 3.82 -30.87
CA ASN A 181 12.80 3.78 -32.24
C ASN A 181 13.43 5.13 -32.55
N TYR A 182 14.63 5.09 -33.13
CA TYR A 182 15.46 6.27 -33.29
C TYR A 182 15.42 6.74 -34.73
N TYR A 183 15.26 8.05 -34.92
CA TYR A 183 15.15 8.66 -36.23
C TYR A 183 16.05 9.88 -36.31
N TRP A 184 16.43 10.26 -37.52
CA TRP A 184 17.35 11.37 -37.71
C TRP A 184 17.04 12.09 -39.02
N THR A 185 17.58 13.31 -39.12
CA THR A 185 17.52 14.10 -40.34
C THR A 185 18.67 15.09 -40.34
N LEU A 186 18.96 15.62 -41.52
CA LEU A 186 19.99 16.63 -41.72
C LEU A 186 19.32 17.95 -42.08
N LEU A 187 19.61 19.00 -41.32
CA LEU A 187 18.95 20.29 -41.46
C LEU A 187 19.81 21.21 -42.31
N GLU A 188 19.24 21.68 -43.42
CA GLU A 188 19.92 22.64 -44.27
C GLU A 188 20.08 23.98 -43.55
N PRO A 189 21.16 24.72 -43.81
CA PRO A 189 21.27 26.06 -43.25
C PRO A 189 20.10 26.94 -43.66
N GLY A 190 19.60 27.70 -42.70
CA GLY A 190 18.42 28.51 -42.93
C GLY A 190 17.11 27.78 -42.89
N ASP A 191 17.09 26.52 -42.46
CA ASP A 191 15.88 25.72 -42.38
C ASP A 191 15.48 25.52 -40.92
N THR A 192 14.18 25.42 -40.70
CA THR A 192 13.61 25.25 -39.37
C THR A 192 13.00 23.85 -39.23
N ILE A 193 13.20 23.25 -38.06
CA ILE A 193 12.66 21.93 -37.75
C ILE A 193 11.76 22.05 -36.53
N ILE A 194 10.55 21.49 -36.64
CA ILE A 194 9.51 21.67 -35.64
C ILE A 194 9.18 20.32 -35.03
N PHE A 195 9.07 20.27 -33.70
CA PHE A 195 8.60 19.09 -32.97
C PHE A 195 7.27 19.42 -32.32
N GLU A 196 6.26 18.61 -32.60
CA GLU A 196 4.94 18.74 -31.98
C GLU A 196 4.49 17.36 -31.53
N ALA A 197 4.16 17.23 -30.24
CA ALA A 197 3.80 15.93 -29.69
C ALA A 197 2.98 16.14 -28.43
N ASN A 198 2.30 15.07 -28.02
CA ASN A 198 1.60 15.03 -26.75
C ASN A 198 2.10 13.92 -25.83
N GLY A 199 3.20 13.27 -26.19
CA GLY A 199 3.78 12.24 -25.36
C GLY A 199 4.69 11.34 -26.15
N ASN A 200 5.40 10.48 -25.41
CA ASN A 200 6.22 9.40 -25.98
C ASN A 200 7.35 9.92 -26.86
N LEU A 201 7.82 11.14 -26.61
CA LEU A 201 8.87 11.76 -27.40
C LEU A 201 10.17 11.78 -26.61
N ILE A 202 11.24 11.28 -27.23
CA ILE A 202 12.59 11.42 -26.69
C ILE A 202 13.19 12.64 -27.37
N ALA A 203 13.17 13.77 -26.68
CA ALA A 203 13.54 15.03 -27.29
C ALA A 203 15.06 15.11 -27.50
N PRO A 204 15.52 15.88 -28.49
CA PRO A 204 16.96 16.07 -28.69
C PRO A 204 17.52 17.05 -27.67
N TRP A 205 18.41 16.57 -26.81
CA TRP A 205 19.12 17.47 -25.90
C TRP A 205 20.26 18.18 -26.62
N TYR A 206 21.01 17.46 -27.45
CA TYR A 206 22.17 18.01 -28.14
C TYR A 206 22.11 17.66 -29.61
N ALA A 207 22.54 18.61 -30.45
CA ALA A 207 22.64 18.42 -31.88
C ALA A 207 24.04 18.77 -32.35
N PHE A 208 24.39 18.26 -33.53
CA PHE A 208 25.76 18.34 -34.03
C PHE A 208 25.77 19.15 -35.33
N ALA A 209 26.55 20.22 -35.35
CA ALA A 209 26.76 21.01 -36.56
C ALA A 209 28.05 20.55 -37.23
N LEU A 210 27.97 20.22 -38.51
CA LEU A 210 29.08 19.57 -39.20
C LEU A 210 29.23 20.11 -40.61
N SER A 211 30.40 19.86 -41.19
CA SER A 211 30.65 20.08 -42.61
C SER A 211 31.47 18.90 -43.11
N ARG A 212 30.93 18.18 -44.11
CA ARG A 212 31.59 16.96 -44.58
C ARG A 212 32.92 17.26 -45.25
N GLY A 213 32.97 18.33 -46.05
CA GLY A 213 34.16 18.66 -46.81
C GLY A 213 35.43 18.86 -45.99
N GLN B 1 4.93 21.87 7.86
CA GLN B 1 4.84 22.38 6.51
C GLN B 1 3.55 21.91 5.84
N VAL B 2 3.64 20.86 5.04
CA VAL B 2 2.48 20.31 4.35
C VAL B 2 1.65 19.50 5.34
N GLN B 3 0.34 19.54 5.17
CA GLN B 3 -0.57 18.79 6.02
C GLN B 3 -1.85 18.51 5.28
N LEU B 4 -2.56 17.47 5.72
CA LEU B 4 -3.86 17.10 5.18
C LEU B 4 -4.85 17.05 6.34
N VAL B 5 -5.87 17.91 6.28
CA VAL B 5 -6.92 17.93 7.30
C VAL B 5 -8.14 17.22 6.74
N GLN B 6 -8.82 16.46 7.59
CA GLN B 6 -9.95 15.63 7.19
C GLN B 6 -11.19 16.00 8.00
N SER B 7 -12.35 15.79 7.39
CA SER B 7 -13.60 16.00 8.09
C SER B 7 -13.71 15.03 9.27
N GLY B 8 -14.42 15.47 10.31
CA GLY B 8 -14.55 14.67 11.50
C GLY B 8 -15.36 13.41 11.28
N ALA B 9 -15.42 12.60 12.34
CA ALA B 9 -16.07 11.30 12.26
C ALA B 9 -17.58 11.45 12.18
N GLU B 10 -18.18 10.92 11.13
CA GLU B 10 -19.63 10.93 10.94
C GLU B 10 -20.19 9.53 11.15
N VAL B 11 -21.34 9.46 11.82
CA VAL B 11 -22.06 8.20 12.02
C VAL B 11 -23.36 8.26 11.22
N ARG B 12 -23.62 7.20 10.46
CA ARG B 12 -24.76 7.19 9.56
C ARG B 12 -25.41 5.81 9.57
N LYS B 13 -26.70 5.80 9.22
CA LYS B 13 -27.45 4.56 9.07
C LYS B 13 -27.12 3.91 7.72
N PRO B 14 -27.23 2.58 7.64
CA PRO B 14 -26.88 1.90 6.38
C PRO B 14 -27.79 2.34 5.23
N GLY B 15 -27.17 2.53 4.06
CA GLY B 15 -27.89 2.98 2.89
C GLY B 15 -27.85 4.46 2.62
N ALA B 16 -27.09 5.23 3.40
CA ALA B 16 -27.01 6.68 3.25
C ALA B 16 -25.66 7.07 2.69
N SER B 17 -25.66 8.07 1.82
CA SER B 17 -24.41 8.59 1.25
C SER B 17 -23.64 9.35 2.32
N VAL B 18 -22.40 8.94 2.58
CA VAL B 18 -21.52 9.62 3.53
C VAL B 18 -20.30 10.11 2.77
N LYS B 19 -19.97 11.39 2.96
CA LYS B 19 -18.91 12.05 2.22
C LYS B 19 -17.83 12.52 3.18
N VAL B 20 -16.57 12.24 2.85
CA VAL B 20 -15.42 12.63 3.65
C VAL B 20 -14.63 13.67 2.88
N SER B 21 -14.17 14.70 3.58
CA SER B 21 -13.42 15.80 2.98
C SER B 21 -11.96 15.73 3.40
N CYS B 22 -11.07 16.12 2.47
CA CYS B 22 -9.64 16.12 2.72
C CYS B 22 -9.05 17.38 2.10
N LYS B 23 -8.46 18.24 2.92
CA LYS B 23 -7.97 19.54 2.51
C LYS B 23 -6.46 19.61 2.64
N ALA B 24 -5.81 20.19 1.64
CA ALA B 24 -4.36 20.24 1.54
C ALA B 24 -3.85 21.66 1.71
N SER B 25 -2.77 21.83 2.47
CA SER B 25 -2.15 23.12 2.69
C SER B 25 -0.63 22.94 2.71
N GLY B 26 0.07 24.03 2.40
CA GLY B 26 1.52 24.02 2.34
C GLY B 26 2.10 23.56 1.01
N TYR B 27 1.25 23.15 0.07
CA TYR B 27 1.69 22.76 -1.26
C TYR B 27 0.59 23.10 -2.26
N THR B 28 0.98 23.28 -3.52
CA THR B 28 0.04 23.65 -4.57
C THR B 28 -0.85 22.46 -4.90
N PHE B 29 -2.14 22.58 -4.54
CA PHE B 29 -3.08 21.46 -4.64
C PHE B 29 -3.00 20.71 -5.96
N THR B 30 -2.67 21.41 -7.05
CA THR B 30 -2.64 20.80 -8.38
C THR B 30 -1.45 19.88 -8.60
N ASP B 31 -0.52 19.78 -7.64
CA ASP B 31 0.74 19.10 -7.91
C ASP B 31 0.62 17.58 -7.88
N ASN B 32 0.19 17.03 -6.75
CA ASN B 32 0.34 15.60 -6.50
C ASN B 32 -1.00 14.88 -6.43
N TYR B 33 -0.94 13.56 -6.59
CA TYR B 33 -2.11 12.71 -6.41
C TYR B 33 -2.61 12.78 -4.97
N ILE B 34 -3.87 12.41 -4.80
CA ILE B 34 -4.43 12.12 -3.48
C ILE B 34 -5.07 10.74 -3.55
N HIS B 35 -4.55 9.81 -2.75
CA HIS B 35 -5.14 8.48 -2.66
C HIS B 35 -6.02 8.39 -1.42
N TRP B 36 -7.00 7.49 -1.49
CA TRP B 36 -7.86 7.18 -0.37
C TRP B 36 -7.69 5.71 -0.01
N VAL B 37 -7.44 5.45 1.27
CA VAL B 37 -7.36 4.08 1.78
C VAL B 37 -8.27 3.98 3.00
N ARG B 38 -8.68 2.75 3.28
CA ARG B 38 -9.57 2.47 4.42
C ARG B 38 -8.96 1.35 5.24
N GLN B 39 -9.24 1.37 6.54
CA GLN B 39 -8.73 0.38 7.48
C GLN B 39 -9.89 -0.09 8.35
N ALA B 40 -10.37 -1.30 8.11
CA ALA B 40 -11.39 -1.87 8.97
C ALA B 40 -10.83 -2.01 10.38
N PRO B 41 -11.65 -1.78 11.42
CA PRO B 41 -11.14 -1.78 12.79
C PRO B 41 -10.40 -3.06 13.16
N GLY B 42 -9.12 -2.93 13.49
CA GLY B 42 -8.30 -4.07 13.85
C GLY B 42 -7.78 -4.89 12.68
N GLN B 43 -7.91 -4.41 11.46
CA GLN B 43 -7.46 -5.11 10.26
C GLN B 43 -6.48 -4.22 9.49
N GLY B 44 -5.98 -4.74 8.37
CA GLY B 44 -5.09 -3.99 7.52
C GLY B 44 -5.82 -2.97 6.67
N LEU B 45 -5.04 -2.17 5.95
CA LEU B 45 -5.65 -1.19 5.07
C LEU B 45 -5.89 -1.78 3.68
N GLU B 46 -6.86 -1.19 2.98
CA GLU B 46 -7.20 -1.57 1.62
C GLU B 46 -7.19 -0.31 0.78
N TRP B 47 -6.38 -0.30 -0.28
CA TRP B 47 -6.38 0.81 -1.21
C TRP B 47 -7.74 0.93 -1.88
N MET B 48 -8.20 2.15 -2.05
CA MET B 48 -9.50 2.40 -2.66
C MET B 48 -9.40 3.10 -4.01
N GLY B 49 -8.67 4.21 -4.09
CA GLY B 49 -8.53 4.89 -5.35
C GLY B 49 -7.74 6.16 -5.20
N TRP B 50 -7.60 6.88 -6.32
CA TRP B 50 -6.89 8.14 -6.32
C TRP B 50 -7.50 9.09 -7.35
N ILE B 51 -7.23 10.38 -7.15
CA ILE B 51 -7.70 11.43 -8.04
C ILE B 51 -6.64 12.53 -8.07
N HIS B 52 -6.38 13.08 -9.26
CA HIS B 52 -5.44 14.17 -9.41
C HIS B 52 -6.19 15.48 -9.54
N PRO B 53 -5.96 16.45 -8.64
CA PRO B 53 -6.70 17.73 -8.74
C PRO B 53 -6.46 18.50 -10.03
N ASN B 54 -5.27 18.37 -10.64
CA ASN B 54 -4.99 19.14 -11.84
C ASN B 54 -5.82 18.66 -13.02
N SER B 55 -5.95 17.34 -13.19
CA SER B 55 -6.69 16.80 -14.33
C SER B 55 -8.12 16.40 -13.98
N GLY B 56 -8.43 16.17 -12.71
CA GLY B 56 -9.71 15.62 -12.34
C GLY B 56 -9.85 14.14 -12.62
N ALA B 57 -8.82 13.50 -13.17
CA ALA B 57 -8.88 12.08 -13.49
C ALA B 57 -8.96 11.26 -12.21
N THR B 58 -9.78 10.22 -12.23
CA THR B 58 -10.01 9.36 -11.09
C THR B 58 -9.72 7.91 -11.47
N LYS B 59 -9.45 7.09 -10.46
CA LYS B 59 -9.17 5.68 -10.65
C LYS B 59 -9.53 4.94 -9.38
N TYR B 60 -10.29 3.86 -9.52
CA TYR B 60 -10.85 3.15 -8.37
C TYR B 60 -10.42 1.69 -8.38
N ALA B 61 -10.33 1.12 -7.19
CA ALA B 61 -10.11 -0.31 -7.05
C ALA B 61 -11.36 -1.08 -7.47
N GLN B 62 -11.17 -2.38 -7.74
CA GLN B 62 -12.28 -3.20 -8.23
C GLN B 62 -13.38 -3.33 -7.19
N LYS B 63 -13.00 -3.58 -5.93
CA LYS B 63 -14.00 -3.74 -4.88
C LYS B 63 -14.76 -2.45 -4.63
N PHE B 64 -14.11 -1.31 -4.85
CA PHE B 64 -14.70 -0.02 -4.53
C PHE B 64 -15.28 0.70 -5.75
N GLU B 65 -15.05 0.20 -6.96
CA GLU B 65 -15.61 0.85 -8.13
C GLU B 65 -17.13 0.76 -8.13
N GLY B 66 -17.77 1.89 -8.45
CA GLY B 66 -19.21 1.95 -8.51
C GLY B 66 -19.85 2.77 -7.41
N TRP B 67 -19.60 2.41 -6.16
CA TRP B 67 -20.25 3.05 -5.03
C TRP B 67 -19.50 4.26 -4.52
N VAL B 68 -18.17 4.28 -4.60
CA VAL B 68 -17.42 5.46 -4.18
C VAL B 68 -17.31 6.43 -5.35
N THR B 69 -17.34 7.73 -5.03
CA THR B 69 -17.18 8.78 -6.01
C THR B 69 -16.25 9.85 -5.44
N MET B 70 -15.22 10.20 -6.19
CA MET B 70 -14.18 11.10 -5.71
C MET B 70 -14.16 12.36 -6.57
N THR B 71 -14.31 13.51 -5.93
CA THR B 71 -14.35 14.81 -6.59
C THR B 71 -13.28 15.70 -5.97
N ARG B 72 -13.19 16.92 -6.48
CA ARG B 72 -12.26 17.90 -5.95
C ARG B 72 -12.77 19.29 -6.25
N ASP B 73 -12.27 20.27 -5.49
CA ASP B 73 -12.54 21.69 -5.73
C ASP B 73 -11.21 22.43 -5.58
N THR B 74 -10.61 22.86 -6.70
CA THR B 74 -9.34 23.56 -6.64
C THR B 74 -9.45 24.87 -5.87
N SER B 75 -10.62 25.52 -5.94
CA SER B 75 -10.77 26.84 -5.33
C SER B 75 -10.56 26.78 -3.83
N ILE B 76 -11.11 25.74 -3.18
CA ILE B 76 -10.95 25.58 -1.74
C ILE B 76 -9.88 24.56 -1.38
N SER B 77 -9.16 24.02 -2.38
CA SER B 77 -8.05 23.10 -2.16
C SER B 77 -8.47 21.90 -1.31
N THR B 78 -9.63 21.34 -1.65
CA THR B 78 -10.21 20.22 -0.91
C THR B 78 -10.57 19.10 -1.87
N VAL B 79 -10.34 17.86 -1.44
CA VAL B 79 -10.70 16.68 -2.20
C VAL B 79 -11.74 15.90 -1.42
N TYR B 80 -12.63 15.23 -2.16
CA TYR B 80 -13.78 14.56 -1.56
C TYR B 80 -13.84 13.11 -1.98
N MET B 81 -14.32 12.28 -1.06
CA MET B 81 -14.72 10.91 -1.34
C MET B 81 -16.16 10.76 -0.86
N GLU B 82 -17.06 10.39 -1.76
CA GLU B 82 -18.45 10.17 -1.40
C GLU B 82 -18.74 8.69 -1.34
N LEU B 83 -19.31 8.25 -0.23
CA LEU B 83 -19.63 6.84 -0.01
C LEU B 83 -21.13 6.62 -0.18
N SER B 84 -21.56 6.67 -1.44
CA SER B 84 -22.95 6.37 -1.76
C SER B 84 -23.28 4.94 -1.33
N ARG B 85 -24.46 4.79 -0.71
CA ARG B 85 -24.97 3.49 -0.30
C ARG B 85 -24.12 2.84 0.79
N SER B 86 -24.44 3.12 2.05
CA SER B 86 -23.65 2.60 3.16
C SER B 86 -24.17 1.24 3.60
N ARG B 87 -23.24 0.38 4.01
CA ARG B 87 -23.56 -0.91 4.60
C ARG B 87 -22.57 -1.18 5.72
N SER B 88 -22.95 -2.09 6.62
CA SER B 88 -22.25 -2.27 7.89
C SER B 88 -20.76 -2.49 7.72
N ASP B 89 -20.36 -3.29 6.73
CA ASP B 89 -18.95 -3.63 6.56
C ASP B 89 -18.10 -2.42 6.19
N ASP B 90 -18.71 -1.30 5.79
CA ASP B 90 -17.94 -0.09 5.53
C ASP B 90 -17.54 0.65 6.80
N THR B 91 -17.94 0.18 7.97
CA THR B 91 -17.47 0.81 9.19
C THR B 91 -15.96 0.60 9.31
N ALA B 92 -15.23 1.71 9.32
CA ALA B 92 -13.77 1.71 9.26
C ALA B 92 -13.31 3.15 9.40
N VAL B 93 -12.01 3.32 9.60
CA VAL B 93 -11.37 4.64 9.58
C VAL B 93 -10.78 4.85 8.19
N TYR B 94 -11.09 6.00 7.59
CA TYR B 94 -10.73 6.27 6.20
C TYR B 94 -9.67 7.36 6.15
N TYR B 95 -8.56 7.07 5.48
CA TYR B 95 -7.43 7.99 5.36
C TYR B 95 -7.32 8.54 3.94
N CYS B 96 -6.81 9.76 3.84
CA CYS B 96 -6.43 10.38 2.58
C CYS B 96 -4.94 10.69 2.65
N ALA B 97 -4.22 10.33 1.58
CA ALA B 97 -2.78 10.55 1.53
C ALA B 97 -2.40 11.14 0.18
N ARG B 98 -1.45 12.07 0.19
CA ARG B 98 -0.94 12.63 -1.04
C ARG B 98 0.25 11.83 -1.53
N ALA B 99 0.41 11.79 -2.84
CA ALA B 99 1.48 11.01 -3.48
C ALA B 99 2.62 11.97 -3.80
N GLY B 100 3.50 12.18 -2.82
CA GLY B 100 4.59 13.12 -2.97
C GLY B 100 5.96 12.48 -3.15
N LEU B 101 6.05 11.17 -2.96
CA LEU B 101 7.31 10.47 -3.22
C LEU B 101 7.51 10.36 -4.72
N GLU B 102 8.19 11.33 -5.31
CA GLU B 102 8.34 11.39 -6.75
C GLU B 102 9.13 10.17 -7.24
N PRO B 103 8.67 9.48 -8.28
CA PRO B 103 9.44 8.35 -8.80
C PRO B 103 10.78 8.82 -9.38
N ARG B 104 11.80 7.99 -9.21
CA ARG B 104 13.13 8.31 -9.72
C ARG B 104 13.32 7.84 -11.16
N SER B 105 12.68 6.73 -11.55
CA SER B 105 12.91 6.11 -12.85
C SER B 105 11.59 5.94 -13.60
N VAL B 106 11.69 5.95 -14.93
CA VAL B 106 10.53 5.68 -15.77
C VAL B 106 10.08 4.23 -15.64
N ASP B 107 11.00 3.32 -15.28
CA ASP B 107 10.65 1.92 -15.14
C ASP B 107 9.52 1.73 -14.13
N TYR B 108 9.65 2.34 -12.96
CA TYR B 108 8.61 2.34 -11.93
C TYR B 108 8.16 3.79 -11.76
N TYR B 109 7.15 4.18 -12.54
CA TYR B 109 6.64 5.56 -12.52
C TYR B 109 5.40 5.61 -11.62
N PHE B 110 5.64 5.72 -10.32
CA PHE B 110 4.56 5.73 -9.34
C PHE B 110 4.96 6.62 -8.17
N TYR B 111 4.13 7.63 -7.91
CA TYR B 111 4.35 8.51 -6.77
C TYR B 111 3.90 7.81 -5.50
N GLY B 112 4.79 7.75 -4.50
CA GLY B 112 4.48 7.11 -3.25
C GLY B 112 3.77 8.04 -2.27
N LEU B 113 3.14 7.43 -1.26
CA LEU B 113 2.28 8.16 -0.33
C LEU B 113 3.13 8.70 0.81
N ASP B 114 3.51 9.97 0.72
CA ASP B 114 4.47 10.53 1.66
C ASP B 114 3.81 11.06 2.94
N VAL B 115 2.75 11.86 2.82
CA VAL B 115 2.08 12.44 3.97
C VAL B 115 0.63 11.99 3.98
N TRP B 116 0.14 11.61 5.15
CA TRP B 116 -1.20 11.09 5.33
C TRP B 116 -2.05 12.07 6.14
N GLY B 117 -3.33 11.74 6.26
CA GLY B 117 -4.26 12.53 7.03
C GLY B 117 -4.54 11.92 8.40
N GLN B 118 -5.27 12.69 9.22
CA GLN B 118 -5.53 12.26 10.59
C GLN B 118 -6.40 11.00 10.63
N GLY B 119 -7.33 10.87 9.69
CA GLY B 119 -8.23 9.73 9.67
C GLY B 119 -9.64 10.10 10.06
N THR B 120 -10.62 9.63 9.28
CA THR B 120 -12.03 9.87 9.56
C THR B 120 -12.67 8.53 9.92
N ALA B 121 -13.32 8.48 11.09
CA ALA B 121 -14.00 7.28 11.54
C ALA B 121 -15.44 7.30 10.99
N VAL B 122 -15.73 6.38 10.08
CA VAL B 122 -17.08 6.22 9.55
C VAL B 122 -17.71 5.02 10.24
N THR B 123 -18.76 5.27 11.00
CA THR B 123 -19.46 4.23 11.74
C THR B 123 -20.86 4.08 11.15
N VAL B 124 -21.16 2.88 10.65
CA VAL B 124 -22.50 2.55 10.17
C VAL B 124 -22.92 1.25 10.83
N SER B 125 -23.99 1.31 11.63
CA SER B 125 -24.57 0.08 12.16
C SER B 125 -26.10 0.12 12.18
N GLY B 126 -26.67 1.33 12.22
CA GLY B 126 -28.09 1.44 12.55
C GLY B 126 -28.34 0.90 13.95
N ALA B 127 -29.33 0.00 14.05
CA ALA B 127 -29.66 -0.76 15.25
C ALA B 127 -30.19 0.13 16.38
N SER B 128 -31.39 -0.18 16.86
CA SER B 128 -32.00 0.61 17.91
C SER B 128 -31.48 0.17 19.28
N THR B 129 -31.67 1.05 20.26
CA THR B 129 -31.25 0.75 21.63
C THR B 129 -31.95 -0.49 22.15
N LYS B 130 -31.17 -1.47 22.59
CA LYS B 130 -31.70 -2.77 22.99
C LYS B 130 -31.01 -3.21 24.27
N GLY B 131 -31.79 -3.77 25.19
CA GLY B 131 -31.30 -4.13 26.51
C GLY B 131 -30.48 -5.39 26.53
N PRO B 132 -29.49 -5.45 27.43
CA PRO B 132 -28.60 -6.61 27.47
C PRO B 132 -29.32 -7.88 27.88
N SER B 133 -28.76 -9.01 27.46
CA SER B 133 -29.31 -10.33 27.76
C SER B 133 -28.24 -11.12 28.49
N VAL B 134 -28.44 -11.35 29.79
CA VAL B 134 -27.40 -11.84 30.68
C VAL B 134 -27.53 -13.35 30.85
N PHE B 135 -26.41 -14.06 30.69
CA PHE B 135 -26.37 -15.51 30.83
C PHE B 135 -25.13 -15.87 31.65
N PRO B 136 -25.31 -16.23 32.93
CA PRO B 136 -24.14 -16.57 33.77
C PRO B 136 -23.28 -17.68 33.18
N LEU B 137 -21.96 -17.46 33.22
CA LEU B 137 -20.98 -18.45 32.78
C LEU B 137 -20.72 -19.39 33.96
N ALA B 138 -21.49 -20.46 34.03
CA ALA B 138 -21.42 -21.36 35.17
C ALA B 138 -20.09 -22.11 35.18
N PRO B 139 -19.46 -22.24 36.36
CA PRO B 139 -18.20 -23.00 36.43
C PRO B 139 -18.45 -24.49 36.30
N SER B 140 -17.66 -25.13 35.43
CA SER B 140 -17.71 -26.58 35.26
C SER B 140 -16.57 -27.22 36.05
N SER B 141 -16.54 -28.55 36.02
CA SER B 141 -15.47 -29.27 36.72
C SER B 141 -14.11 -28.94 36.13
N LYS B 142 -14.04 -28.78 34.80
CA LYS B 142 -12.79 -28.39 34.17
C LYS B 142 -12.40 -26.96 34.53
N SER B 143 -13.38 -26.10 34.82
CA SER B 143 -13.08 -24.75 35.24
C SER B 143 -12.51 -24.70 36.65
N THR B 144 -12.87 -25.66 37.49
CA THR B 144 -12.28 -25.77 38.82
C THR B 144 -10.81 -26.15 38.70
N SER B 145 -9.96 -25.47 39.48
CA SER B 145 -8.53 -25.69 39.41
C SER B 145 -7.89 -26.03 40.75
N GLY B 146 -8.67 -26.19 41.80
CA GLY B 146 -8.11 -26.51 43.11
C GLY B 146 -7.56 -25.29 43.81
N GLY B 147 -8.29 -24.79 44.80
CA GLY B 147 -7.93 -23.56 45.47
C GLY B 147 -8.34 -22.29 44.74
N THR B 148 -8.84 -22.43 43.50
CA THR B 148 -9.27 -21.29 42.71
C THR B 148 -10.14 -21.82 41.57
N ALA B 149 -11.32 -21.24 41.40
CA ALA B 149 -12.27 -21.69 40.40
C ALA B 149 -12.26 -20.74 39.20
N ALA B 150 -13.34 -20.73 38.41
CA ALA B 150 -13.46 -19.85 37.26
C ALA B 150 -14.92 -19.71 36.93
N LEU B 151 -15.48 -18.51 37.14
CA LEU B 151 -16.90 -18.29 36.94
C LEU B 151 -17.13 -16.86 36.47
N GLY B 152 -18.32 -16.62 35.93
CA GLY B 152 -18.66 -15.30 35.45
C GLY B 152 -20.07 -15.28 34.89
N CYS B 153 -20.37 -14.19 34.19
CA CYS B 153 -21.65 -14.06 33.48
C CYS B 153 -21.40 -13.42 32.13
N LEU B 154 -22.31 -13.67 31.20
CA LEU B 154 -22.17 -13.25 29.80
C LEU B 154 -23.24 -12.21 29.48
N VAL B 155 -22.79 -11.03 29.07
CA VAL B 155 -23.67 -9.97 28.60
C VAL B 155 -23.72 -10.04 27.09
N LYS B 156 -24.91 -10.26 26.53
CA LYS B 156 -25.04 -10.60 25.12
C LYS B 156 -26.17 -9.80 24.50
N ASP B 157 -25.99 -9.46 23.21
CA ASP B 157 -26.97 -8.71 22.42
C ASP B 157 -27.43 -7.45 23.16
N TYR B 158 -26.62 -6.40 23.05
CA TYR B 158 -27.02 -5.11 23.56
C TYR B 158 -26.51 -4.01 22.64
N PHE B 159 -27.20 -2.86 22.70
CA PHE B 159 -26.88 -1.69 21.89
C PHE B 159 -27.47 -0.50 22.60
N PRO B 160 -26.75 0.63 22.71
CA PRO B 160 -25.37 0.85 22.27
C PRO B 160 -24.38 0.68 23.40
N GLU B 161 -23.18 1.24 23.25
CA GLU B 161 -22.24 1.30 24.35
C GLU B 161 -22.63 2.45 25.28
N PRO B 162 -22.20 2.41 26.55
CA PRO B 162 -21.45 1.33 27.19
C PRO B 162 -22.27 0.49 28.15
N VAL B 163 -21.64 -0.52 28.74
CA VAL B 163 -22.22 -1.30 29.82
C VAL B 163 -21.13 -1.55 30.86
N THR B 164 -21.46 -1.38 32.13
CA THR B 164 -20.53 -1.61 33.22
C THR B 164 -20.96 -2.81 34.03
N VAL B 165 -19.99 -3.58 34.51
CA VAL B 165 -20.24 -4.81 35.27
C VAL B 165 -19.52 -4.72 36.61
N SER B 166 -20.23 -5.07 37.68
CA SER B 166 -19.66 -5.17 39.01
C SER B 166 -20.13 -6.47 39.65
N TRP B 167 -19.41 -6.91 40.68
CA TRP B 167 -19.67 -8.19 41.32
C TRP B 167 -19.94 -7.98 42.81
N ASN B 168 -21.05 -8.56 43.28
CA ASN B 168 -21.47 -8.46 44.68
C ASN B 168 -21.58 -6.99 45.11
N SER B 169 -22.17 -6.17 44.23
CA SER B 169 -22.39 -4.74 44.49
C SER B 169 -21.09 -4.00 44.76
N GLY B 170 -20.01 -4.41 44.09
CA GLY B 170 -18.73 -3.76 44.21
C GLY B 170 -17.85 -4.26 45.33
N ALA B 171 -18.35 -5.17 46.18
CA ALA B 171 -17.51 -5.72 47.25
C ALA B 171 -16.44 -6.65 46.70
N LEU B 172 -16.73 -7.34 45.60
CA LEU B 172 -15.79 -8.28 44.98
C LEU B 172 -15.11 -7.55 43.81
N THR B 173 -13.93 -6.99 44.08
CA THR B 173 -13.12 -6.37 43.04
C THR B 173 -11.84 -7.13 42.74
N SER B 174 -11.40 -8.01 43.63
CA SER B 174 -10.20 -8.80 43.40
C SER B 174 -10.50 -9.96 42.46
N GLY B 175 -9.63 -10.15 41.46
CA GLY B 175 -9.82 -11.20 40.48
C GLY B 175 -10.85 -10.92 39.43
N VAL B 176 -11.29 -9.66 39.29
CA VAL B 176 -12.33 -9.29 38.35
C VAL B 176 -11.69 -8.72 37.09
N HIS B 177 -12.14 -9.18 35.93
CA HIS B 177 -11.69 -8.64 34.65
C HIS B 177 -12.88 -8.63 33.69
N THR B 178 -13.31 -7.43 33.30
CA THR B 178 -14.39 -7.27 32.33
C THR B 178 -13.79 -7.08 30.94
N PHE B 179 -14.27 -7.87 29.98
CA PHE B 179 -13.70 -7.77 28.65
C PHE B 179 -14.41 -6.71 27.83
N PRO B 180 -13.71 -6.11 26.87
CA PRO B 180 -14.39 -5.24 25.89
C PRO B 180 -15.36 -6.06 25.05
N ALA B 181 -16.32 -5.35 24.46
CA ALA B 181 -17.38 -5.98 23.70
C ALA B 181 -16.96 -6.22 22.25
N VAL B 182 -17.69 -7.13 21.59
CA VAL B 182 -17.50 -7.42 20.18
C VAL B 182 -18.78 -7.11 19.43
N LEU B 183 -18.63 -6.71 18.18
CA LEU B 183 -19.77 -6.42 17.31
C LEU B 183 -20.09 -7.68 16.51
N GLN B 184 -21.20 -8.34 16.87
CA GLN B 184 -21.62 -9.51 16.14
C GLN B 184 -22.18 -9.12 14.78
N SER B 185 -22.31 -10.13 13.90
CA SER B 185 -22.89 -9.88 12.58
C SER B 185 -24.33 -9.42 12.66
N SER B 186 -25.00 -9.64 13.81
CA SER B 186 -26.35 -9.15 14.01
C SER B 186 -26.42 -7.64 14.20
N GLY B 187 -25.29 -6.98 14.41
CA GLY B 187 -25.27 -5.56 14.70
C GLY B 187 -25.28 -5.21 16.16
N LEU B 188 -25.35 -6.20 17.05
CA LEU B 188 -25.42 -5.98 18.49
C LEU B 188 -24.07 -6.28 19.14
N TYR B 189 -23.94 -5.86 20.40
CA TYR B 189 -22.71 -5.97 21.16
C TYR B 189 -22.83 -7.07 22.21
N SER B 190 -21.68 -7.63 22.60
CA SER B 190 -21.63 -8.65 23.63
C SER B 190 -20.26 -8.64 24.28
N LEU B 191 -20.23 -8.69 25.62
CA LEU B 191 -18.99 -8.79 26.36
C LEU B 191 -19.17 -9.80 27.49
N SER B 192 -18.04 -10.19 28.10
CA SER B 192 -18.04 -11.16 29.18
C SER B 192 -17.22 -10.62 30.35
N SER B 193 -17.67 -10.91 31.56
CA SER B 193 -16.95 -10.60 32.79
C SER B 193 -16.61 -11.90 33.50
N VAL B 194 -15.37 -12.01 33.97
CA VAL B 194 -14.90 -13.20 34.64
C VAL B 194 -14.32 -12.81 35.99
N VAL B 195 -14.65 -13.59 37.03
CA VAL B 195 -14.12 -13.39 38.37
C VAL B 195 -13.31 -14.61 38.75
N THR B 196 -12.09 -14.39 39.23
CA THR B 196 -11.22 -15.46 39.70
C THR B 196 -11.33 -15.56 41.21
N VAL B 197 -11.85 -16.68 41.70
CA VAL B 197 -12.17 -16.84 43.11
C VAL B 197 -11.73 -18.23 43.56
N PRO B 198 -11.35 -18.37 44.83
CA PRO B 198 -11.05 -19.70 45.37
C PRO B 198 -12.17 -20.69 45.09
N SER B 199 -11.78 -21.89 44.66
CA SER B 199 -12.71 -22.99 44.40
C SER B 199 -13.36 -23.50 45.67
N SER B 200 -13.01 -22.95 46.83
CA SER B 200 -13.63 -23.34 48.08
C SER B 200 -14.94 -22.61 48.32
N SER B 201 -15.08 -21.40 47.78
CA SER B 201 -16.29 -20.61 48.00
C SER B 201 -17.47 -21.09 47.18
N LEU B 202 -17.26 -22.06 46.28
CA LEU B 202 -18.35 -22.60 45.48
C LEU B 202 -19.34 -23.35 46.38
N GLY B 203 -20.63 -23.13 46.13
CA GLY B 203 -21.65 -23.72 46.96
C GLY B 203 -21.74 -23.16 48.36
N THR B 204 -21.03 -22.06 48.64
CA THR B 204 -21.04 -21.46 49.96
C THR B 204 -21.22 -19.95 49.84
N GLN B 205 -20.35 -19.31 49.07
CA GLN B 205 -20.46 -17.89 48.80
C GLN B 205 -21.29 -17.66 47.54
N THR B 206 -22.17 -16.66 47.59
CA THR B 206 -23.06 -16.35 46.48
C THR B 206 -22.42 -15.26 45.61
N TYR B 207 -22.40 -15.50 44.29
CA TYR B 207 -21.78 -14.58 43.36
C TYR B 207 -22.84 -14.01 42.42
N ILE B 208 -22.99 -12.70 42.45
CA ILE B 208 -23.97 -11.97 41.64
C ILE B 208 -23.23 -10.89 40.88
N CYS B 209 -23.45 -10.81 39.57
CA CYS B 209 -22.84 -9.80 38.73
C CYS B 209 -23.87 -8.75 38.38
N ASN B 210 -23.51 -7.48 38.55
CA ASN B 210 -24.40 -6.36 38.33
C ASN B 210 -24.13 -5.78 36.94
N VAL B 211 -25.15 -5.76 36.09
CA VAL B 211 -25.03 -5.29 34.72
C VAL B 211 -25.89 -4.04 34.57
N ASN B 212 -25.26 -2.93 34.18
CA ASN B 212 -25.92 -1.64 34.04
C ASN B 212 -25.80 -1.19 32.60
N HIS B 213 -26.94 -0.88 31.97
CA HIS B 213 -27.00 -0.41 30.60
C HIS B 213 -27.79 0.90 30.63
N LYS B 214 -27.08 2.01 30.75
CA LYS B 214 -27.73 3.31 30.84
C LYS B 214 -28.58 3.68 29.62
N PRO B 215 -28.14 3.49 28.37
CA PRO B 215 -28.94 3.98 27.23
C PRO B 215 -30.36 3.42 27.16
N SER B 216 -30.61 2.23 27.69
CA SER B 216 -31.95 1.65 27.74
C SER B 216 -32.48 1.51 29.16
N ASN B 217 -31.73 2.01 30.15
CA ASN B 217 -32.18 2.02 31.55
C ASN B 217 -32.51 0.61 32.05
N THR B 218 -31.64 -0.36 31.71
CA THR B 218 -31.85 -1.76 32.07
C THR B 218 -30.76 -2.19 33.05
N LYS B 219 -31.16 -2.47 34.29
CA LYS B 219 -30.28 -3.02 35.32
C LYS B 219 -30.60 -4.50 35.51
N VAL B 220 -29.59 -5.35 35.44
CA VAL B 220 -29.76 -6.79 35.59
C VAL B 220 -28.85 -7.29 36.70
N ASP B 221 -29.44 -7.94 37.70
CA ASP B 221 -28.72 -8.66 38.74
C ASP B 221 -28.90 -10.15 38.48
N LYS B 222 -27.81 -10.92 38.53
CA LYS B 222 -27.92 -12.32 38.16
C LYS B 222 -26.98 -13.18 38.99
N ARG B 223 -27.55 -14.18 39.64
CA ARG B 223 -26.79 -15.13 40.46
C ARG B 223 -26.00 -16.08 39.57
N VAL B 224 -24.75 -16.32 39.95
CA VAL B 224 -23.89 -17.29 39.28
C VAL B 224 -23.69 -18.44 40.25
N GLU B 225 -24.21 -19.62 39.91
CA GLU B 225 -24.19 -20.77 40.79
C GLU B 225 -23.62 -21.97 40.06
N PRO B 226 -22.95 -22.88 40.79
CA PRO B 226 -22.36 -24.10 40.22
C PRO B 226 -23.36 -24.96 39.45
N SER C 2 0.29 -8.16 -6.90
CA SER C 2 -0.92 -8.46 -6.13
C SER C 2 -0.65 -9.56 -5.10
N VAL C 3 -1.46 -9.55 -4.04
CA VAL C 3 -1.34 -10.43 -2.87
C VAL C 3 0.09 -10.46 -2.33
N LEU C 4 0.59 -9.31 -1.89
CA LEU C 4 1.79 -9.28 -1.07
C LEU C 4 1.51 -9.90 0.29
N THR C 5 2.49 -10.65 0.81
CA THR C 5 2.30 -11.41 2.04
C THR C 5 3.35 -11.01 3.06
N GLN C 6 2.90 -10.73 4.27
CA GLN C 6 3.69 -10.29 5.41
C GLN C 6 3.42 -11.22 6.58
N PRO C 7 4.31 -11.24 7.57
CA PRO C 7 4.10 -12.13 8.74
C PRO C 7 3.13 -11.52 9.74
N PRO C 8 2.27 -12.36 10.36
CA PRO C 8 1.35 -11.83 11.38
C PRO C 8 2.06 -11.12 12.52
N SER C 9 3.21 -11.62 12.95
CA SER C 9 3.90 -11.05 14.10
C SER C 9 5.38 -11.41 14.08
N VAL C 10 6.22 -10.47 14.52
CA VAL C 10 7.64 -10.71 14.77
C VAL C 10 7.98 -10.14 16.13
N SER C 11 8.77 -10.89 16.90
CA SER C 11 9.22 -10.47 18.22
C SER C 11 10.73 -10.34 18.22
N VAL C 12 11.23 -9.16 18.62
CA VAL C 12 12.66 -8.89 18.70
C VAL C 12 12.98 -8.30 20.06
N ALA C 13 14.09 -8.72 20.64
CA ALA C 13 14.53 -8.15 21.90
C ALA C 13 15.12 -6.75 21.67
N PRO C 14 14.99 -5.85 22.64
CA PRO C 14 15.47 -4.47 22.41
C PRO C 14 16.97 -4.43 22.16
N GLY C 15 17.37 -3.53 21.26
CA GLY C 15 18.77 -3.40 20.90
C GLY C 15 19.27 -4.41 19.89
N GLN C 16 18.40 -5.25 19.35
CA GLN C 16 18.78 -6.26 18.38
C GLN C 16 18.40 -5.79 16.98
N THR C 17 18.25 -6.72 16.04
CA THR C 17 17.90 -6.41 14.66
C THR C 17 16.57 -7.08 14.33
N ALA C 18 15.78 -6.41 13.49
CA ALA C 18 14.45 -6.87 13.12
C ALA C 18 14.33 -6.88 11.60
N THR C 19 13.83 -7.99 11.06
CA THR C 19 13.62 -8.15 9.63
C THR C 19 12.16 -8.48 9.36
N ILE C 20 11.58 -7.82 8.36
CA ILE C 20 10.19 -8.02 7.95
C ILE C 20 10.18 -8.43 6.49
N THR C 21 9.51 -9.54 6.18
CA THR C 21 9.49 -10.10 4.85
C THR C 21 8.19 -9.75 4.14
N CYS C 22 8.31 -9.37 2.87
CA CYS C 22 7.16 -9.01 2.03
C CYS C 22 7.32 -9.76 0.71
N GLY C 23 6.45 -10.75 0.48
CA GLY C 23 6.58 -11.66 -0.64
C GLY C 23 5.49 -11.44 -1.69
N GLY C 24 5.90 -11.46 -2.95
CA GLY C 24 4.98 -11.28 -4.06
C GLY C 24 5.68 -11.55 -5.37
N ASN C 25 4.89 -11.56 -6.44
CA ASN C 25 5.42 -11.81 -7.77
C ASN C 25 5.98 -10.54 -8.38
N ASN C 26 7.13 -10.68 -9.05
CA ASN C 26 7.70 -9.62 -9.90
C ASN C 26 7.89 -8.31 -9.14
N ILE C 27 8.34 -8.39 -7.89
CA ILE C 27 8.73 -7.17 -7.20
C ILE C 27 9.93 -6.53 -7.90
N GLY C 28 10.90 -7.37 -8.29
CA GLY C 28 11.98 -7.03 -9.20
C GLY C 28 12.38 -5.57 -9.32
N ARG C 29 12.04 -4.94 -10.45
CA ARG C 29 12.36 -3.54 -10.64
C ARG C 29 11.56 -2.62 -9.71
N LYS C 30 10.41 -3.08 -9.23
CA LYS C 30 9.54 -2.22 -8.44
C LYS C 30 10.12 -1.99 -7.04
N ARG C 31 10.13 -0.73 -6.62
CA ARG C 31 10.42 -0.37 -5.24
C ARG C 31 9.21 -0.65 -4.36
N VAL C 32 9.47 -0.89 -3.08
CA VAL C 32 8.44 -1.20 -2.11
C VAL C 32 8.41 -0.10 -1.06
N ASP C 33 7.26 0.52 -0.89
CA ASP C 33 7.07 1.55 0.12
C ASP C 33 6.59 0.90 1.42
N TRP C 34 7.26 1.21 2.52
CA TRP C 34 6.90 0.69 3.83
C TRP C 34 6.27 1.78 4.66
N PHE C 35 5.17 1.43 5.33
CA PHE C 35 4.41 2.36 6.15
C PHE C 35 4.33 1.84 7.57
N GLN C 36 4.53 2.73 8.53
CA GLN C 36 4.55 2.38 9.95
C GLN C 36 3.33 3.00 10.63
N GLN C 37 2.52 2.15 11.27
CA GLN C 37 1.30 2.58 11.95
C GLN C 37 1.38 2.21 13.42
N LYS C 38 1.61 3.20 14.27
CA LYS C 38 1.47 2.99 15.70
C LYS C 38 -0.02 2.87 16.06
N PRO C 39 -0.35 2.16 17.13
CA PRO C 39 -1.76 1.97 17.48
C PRO C 39 -2.48 3.30 17.64
N GLY C 40 -3.66 3.39 17.02
CA GLY C 40 -4.44 4.61 17.07
C GLY C 40 -3.83 5.79 16.35
N GLN C 41 -2.85 5.54 15.48
CA GLN C 41 -2.14 6.60 14.78
C GLN C 41 -2.24 6.38 13.28
N ALA C 42 -2.15 7.48 12.52
CA ALA C 42 -2.13 7.40 11.08
C ALA C 42 -0.76 6.89 10.64
N PRO C 43 -0.72 5.88 9.77
CA PRO C 43 0.57 5.35 9.29
C PRO C 43 1.40 6.44 8.60
N VAL C 44 2.71 6.31 8.73
CA VAL C 44 3.68 7.22 8.15
C VAL C 44 4.67 6.42 7.33
N LEU C 45 5.21 7.05 6.28
CA LEU C 45 6.12 6.37 5.37
C LEU C 45 7.49 6.19 6.03
N VAL C 46 8.08 5.02 5.84
CA VAL C 46 9.42 4.73 6.37
C VAL C 46 10.44 5.30 5.39
N VAL C 47 11.10 6.38 5.78
CA VAL C 47 12.07 7.06 4.94
C VAL C 47 13.47 6.73 5.46
N TYR C 48 14.44 6.70 4.55
CA TYR C 48 15.78 6.27 4.88
C TYR C 48 16.78 6.74 3.82
N GLU C 59 19.80 5.61 9.17
CA GLU C 59 20.81 4.57 9.23
C GLU C 59 20.23 3.27 9.78
N ARG C 60 19.40 3.39 10.82
CA ARG C 60 18.79 2.22 11.43
C ARG C 60 17.81 1.54 10.49
N PHE C 61 17.12 2.30 9.65
CA PHE C 61 16.16 1.77 8.70
C PHE C 61 16.83 1.62 7.33
N SER C 62 16.64 0.45 6.72
CA SER C 62 17.19 0.20 5.39
C SER C 62 16.42 -0.96 4.76
N ASP C 63 16.21 -0.87 3.45
CA ASP C 63 15.59 -1.97 2.70
C ASP C 63 16.59 -2.62 1.76
N SER C 64 16.28 -3.85 1.37
CA SER C 64 17.07 -4.60 0.40
C SER C 64 16.14 -5.57 -0.30
N ASN C 65 15.82 -5.28 -1.56
CA ASN C 65 14.92 -6.10 -2.36
C ASN C 65 15.76 -6.96 -3.29
N SER C 66 15.40 -8.24 -3.40
CA SER C 66 16.07 -9.18 -4.29
C SER C 66 15.04 -10.12 -4.86
N GLY C 67 14.74 -9.98 -6.15
CA GLY C 67 13.89 -10.94 -6.83
C GLY C 67 12.47 -10.93 -6.30
N THR C 68 12.03 -12.07 -5.80
CA THR C 68 10.63 -12.31 -5.43
C THR C 68 10.28 -11.89 -4.02
N THR C 69 11.22 -11.32 -3.26
CA THR C 69 10.95 -10.92 -1.88
C THR C 69 11.63 -9.59 -1.58
N ALA C 70 10.90 -8.70 -0.92
CA ALA C 70 11.43 -7.47 -0.37
C ALA C 70 11.50 -7.57 1.14
N THR C 71 12.53 -6.99 1.73
CA THR C 71 12.76 -7.07 3.16
C THR C 71 13.01 -5.68 3.73
N LEU C 72 12.44 -5.42 4.90
CA LEU C 72 12.70 -4.22 5.68
C LEU C 72 13.43 -4.61 6.95
N THR C 73 14.55 -3.97 7.22
CA THR C 73 15.40 -4.30 8.36
C THR C 73 15.53 -3.08 9.27
N ILE C 74 15.37 -3.32 10.58
CA ILE C 74 15.52 -2.29 11.59
C ILE C 74 16.68 -2.69 12.48
N SER C 75 17.62 -1.77 12.70
CA SER C 75 18.78 -2.02 13.53
C SER C 75 18.67 -1.26 14.85
N ARG C 76 19.08 -1.90 15.93
CA ARG C 76 18.96 -1.36 17.28
C ARG C 76 17.51 -0.95 17.56
N VAL C 77 16.66 -1.98 17.60
CA VAL C 77 15.23 -1.77 17.79
C VAL C 77 14.98 -1.02 19.09
N GLU C 78 14.02 -0.10 19.05
CA GLU C 78 13.63 0.70 20.19
C GLU C 78 12.14 0.53 20.46
N ALA C 79 11.72 0.97 21.65
CA ALA C 79 10.32 0.85 22.03
C ALA C 79 9.43 1.68 21.10
N GLY C 80 9.89 2.87 20.72
CA GLY C 80 9.14 3.69 19.79
C GLY C 80 9.08 3.14 18.38
N ASP C 81 10.04 2.29 18.01
CA ASP C 81 10.01 1.67 16.69
C ASP C 81 8.87 0.68 16.55
N GLU C 82 8.47 0.05 17.66
CA GLU C 82 7.42 -0.96 17.63
C GLU C 82 6.11 -0.38 17.10
N ALA C 83 5.51 -1.09 16.14
CA ALA C 83 4.25 -0.67 15.52
C ALA C 83 3.74 -1.74 14.57
N ASP C 84 2.92 -1.34 13.60
CA ASP C 84 2.44 -2.20 12.54
C ASP C 84 3.06 -1.75 11.22
N TYR C 85 3.64 -2.68 10.48
CA TYR C 85 4.39 -2.38 9.27
C TYR C 85 3.70 -2.97 8.04
N TYR C 86 3.71 -2.22 6.95
CA TYR C 86 2.88 -2.49 5.79
C TYR C 86 3.69 -2.21 4.52
N CYS C 87 3.92 -3.23 3.71
CA CYS C 87 4.57 -3.04 2.42
C CYS C 87 3.52 -2.75 1.35
N GLN C 88 3.96 -2.08 0.28
CA GLN C 88 3.03 -1.58 -0.73
C GLN C 88 3.76 -1.55 -2.08
N VAL C 89 3.09 -2.07 -3.11
CA VAL C 89 3.63 -2.12 -4.46
C VAL C 89 2.50 -1.88 -5.45
N TRP C 90 2.77 -1.15 -6.52
CA TRP C 90 1.81 -0.93 -7.59
C TRP C 90 1.92 -2.06 -8.61
N ASP C 91 0.80 -2.72 -8.88
CA ASP C 91 0.74 -3.80 -9.86
C ASP C 91 0.22 -3.21 -11.18
N SER C 92 1.07 -3.23 -12.21
CA SER C 92 0.72 -2.60 -13.47
C SER C 92 -0.43 -3.32 -14.15
N ASP C 93 -0.39 -4.66 -14.19
CA ASP C 93 -1.41 -5.42 -14.89
C ASP C 93 -2.78 -5.24 -14.25
N SER C 94 -2.86 -5.43 -12.93
CA SER C 94 -4.11 -5.20 -12.23
C SER C 94 -4.47 -3.72 -12.12
N ASP C 95 -3.51 -2.83 -12.40
CA ASP C 95 -3.70 -1.39 -12.33
C ASP C 95 -4.07 -0.94 -10.92
N HIS C 96 -3.72 -1.71 -9.90
CA HIS C 96 -4.14 -1.45 -8.53
C HIS C 96 -2.93 -1.34 -7.62
N VAL C 97 -2.99 -0.41 -6.68
CA VAL C 97 -2.01 -0.33 -5.61
C VAL C 97 -2.33 -1.41 -4.60
N VAL C 98 -1.35 -2.26 -4.30
CA VAL C 98 -1.54 -3.43 -3.45
C VAL C 98 -0.85 -3.17 -2.12
N PHE C 99 -1.59 -3.36 -1.03
CA PHE C 99 -1.07 -3.24 0.32
C PHE C 99 -0.83 -4.62 0.92
N GLY C 100 0.20 -4.71 1.75
CA GLY C 100 0.50 -5.96 2.41
C GLY C 100 -0.47 -6.26 3.54
N GLY C 101 -0.47 -7.53 3.96
CA GLY C 101 -1.38 -7.95 5.01
C GLY C 101 -1.10 -7.29 6.34
N GLY C 102 0.16 -7.28 6.75
CA GLY C 102 0.55 -6.64 7.99
C GLY C 102 1.47 -7.38 8.92
N THR C 103 2.31 -6.62 9.63
CA THR C 103 3.27 -7.18 10.58
C THR C 103 3.13 -6.46 11.92
N LYS C 104 2.80 -7.23 12.96
CA LYS C 104 2.82 -6.71 14.33
C LYS C 104 4.18 -7.03 14.93
N LEU C 105 5.11 -6.09 14.78
CA LEU C 105 6.44 -6.25 15.36
C LEU C 105 6.37 -5.92 16.85
N THR C 106 6.92 -6.80 17.67
CA THR C 106 6.84 -6.66 19.12
C THR C 106 8.23 -6.68 19.73
N VAL C 107 8.74 -5.48 20.05
CA VAL C 107 9.98 -5.34 20.79
C VAL C 107 9.68 -5.68 22.24
N LEU C 108 10.15 -6.85 22.70
CA LEU C 108 9.66 -7.48 23.92
C LEU C 108 9.57 -6.52 25.11
N GLY C 109 10.70 -6.03 25.60
CA GLY C 109 10.69 -5.14 26.75
C GLY C 109 9.88 -5.61 27.94
N GLN C 110 9.51 -6.88 27.98
CA GLN C 110 8.58 -7.46 28.93
C GLN C 110 8.60 -8.97 28.74
N PRO C 111 8.72 -9.76 29.80
CA PRO C 111 8.83 -11.22 29.64
C PRO C 111 7.65 -11.80 28.87
N LYS C 112 7.96 -12.60 27.85
CA LYS C 112 6.94 -13.28 27.05
C LYS C 112 6.05 -14.16 27.92
N ALA C 113 4.89 -14.54 27.38
CA ALA C 113 3.93 -15.36 28.12
C ALA C 113 2.96 -16.02 27.14
N ALA C 114 2.72 -17.33 27.35
CA ALA C 114 1.73 -18.06 26.60
C ALA C 114 0.35 -17.85 27.20
N PRO C 115 -0.68 -17.70 26.37
CA PRO C 115 -1.99 -17.24 26.85
C PRO C 115 -2.61 -18.33 27.72
N SER C 116 -3.45 -17.94 28.67
CA SER C 116 -4.29 -18.88 29.40
C SER C 116 -5.70 -18.83 28.82
N VAL C 117 -6.29 -20.00 28.55
CA VAL C 117 -7.56 -20.10 27.85
C VAL C 117 -8.64 -20.59 28.82
N THR C 118 -9.81 -19.97 28.74
CA THR C 118 -10.97 -20.37 29.54
C THR C 118 -12.19 -20.44 28.63
N LEU C 119 -12.80 -21.61 28.55
CA LEU C 119 -13.96 -21.83 27.67
C LEU C 119 -15.17 -22.17 28.52
N PHE C 120 -16.21 -21.32 28.46
CA PHE C 120 -17.45 -21.52 29.19
C PHE C 120 -18.50 -22.13 28.27
N PRO C 121 -19.23 -23.14 28.73
CA PRO C 121 -20.27 -23.75 27.89
C PRO C 121 -21.49 -22.85 27.80
N PRO C 122 -22.40 -23.10 26.86
CA PRO C 122 -23.68 -22.37 26.87
C PRO C 122 -24.39 -22.57 28.19
N SER C 123 -24.89 -21.47 28.75
CA SER C 123 -25.51 -21.51 30.06
C SER C 123 -26.92 -22.07 29.97
N SER C 124 -27.42 -22.52 31.12
CA SER C 124 -28.72 -23.20 31.15
C SER C 124 -29.86 -22.26 30.77
N GLU C 125 -29.80 -21.01 31.23
CA GLU C 125 -30.85 -20.04 30.94
C GLU C 125 -30.74 -19.42 29.55
N GLU C 126 -29.55 -19.46 28.94
CA GLU C 126 -29.48 -19.16 27.51
C GLU C 126 -30.06 -20.31 26.70
N LEU C 127 -29.85 -21.55 27.16
CA LEU C 127 -30.45 -22.70 26.51
C LEU C 127 -31.97 -22.64 26.61
N GLN C 128 -32.50 -22.21 27.76
CA GLN C 128 -33.93 -22.06 27.94
C GLN C 128 -34.49 -20.82 27.25
N ALA C 129 -33.62 -19.91 26.79
CA ALA C 129 -34.04 -18.76 26.00
C ALA C 129 -33.84 -19.00 24.50
N ASN C 130 -33.54 -20.23 24.11
CA ASN C 130 -33.36 -20.62 22.70
C ASN C 130 -32.19 -19.87 22.06
N LYS C 131 -31.05 -19.89 22.76
CA LYS C 131 -29.80 -19.38 22.21
C LYS C 131 -28.66 -20.23 22.76
N ALA C 132 -27.54 -20.20 22.05
CA ALA C 132 -26.36 -20.96 22.47
C ALA C 132 -25.12 -20.20 22.04
N THR C 133 -24.32 -19.78 23.00
CA THR C 133 -23.11 -19.00 22.73
C THR C 133 -21.96 -19.52 23.58
N LEU C 134 -20.85 -19.86 22.92
CA LEU C 134 -19.65 -20.32 23.60
C LEU C 134 -18.73 -19.14 23.84
N VAL C 135 -18.28 -19.00 25.09
CA VAL C 135 -17.37 -17.92 25.47
C VAL C 135 -16.00 -18.52 25.68
N CYS C 136 -15.04 -18.12 24.86
CA CYS C 136 -13.65 -18.53 24.98
C CYS C 136 -12.82 -17.30 25.34
N LEU C 137 -12.18 -17.33 26.50
CA LEU C 137 -11.47 -16.18 27.04
C LEU C 137 -9.98 -16.44 27.01
N ILE C 138 -9.23 -15.56 26.35
CA ILE C 138 -7.79 -15.67 26.21
C ILE C 138 -7.15 -14.49 26.93
N SER C 139 -6.21 -14.76 27.81
CA SER C 139 -5.71 -13.75 28.72
C SER C 139 -4.20 -13.88 28.91
N ASP C 140 -3.65 -12.90 29.65
CA ASP C 140 -2.31 -12.90 30.22
C ASP C 140 -1.21 -13.27 29.20
N PHE C 141 -1.31 -12.71 28.00
CA PHE C 141 -0.34 -13.07 26.96
C PHE C 141 0.41 -11.87 26.41
N TYR C 142 1.56 -12.19 25.83
CA TYR C 142 2.50 -11.24 25.28
C TYR C 142 3.40 -11.99 24.30
N PRO C 143 3.53 -11.55 23.05
CA PRO C 143 2.94 -10.37 22.41
C PRO C 143 1.44 -10.48 22.16
N GLY C 144 0.79 -9.36 21.84
CA GLY C 144 -0.63 -9.34 21.60
C GLY C 144 -1.02 -9.76 20.19
N ALA C 145 -0.88 -11.05 19.89
CA ALA C 145 -1.25 -11.56 18.57
C ALA C 145 -1.45 -13.07 18.69
N VAL C 146 -2.70 -13.53 18.49
CA VAL C 146 -3.02 -14.95 18.46
C VAL C 146 -3.93 -15.23 17.27
N THR C 147 -4.02 -16.50 16.91
CA THR C 147 -4.96 -16.98 15.90
C THR C 147 -5.91 -17.97 16.57
N VAL C 148 -7.20 -17.74 16.43
CA VAL C 148 -8.24 -18.52 17.10
C VAL C 148 -8.93 -19.40 16.07
N ALA C 149 -9.05 -20.69 16.38
CA ALA C 149 -9.74 -21.64 15.53
C ALA C 149 -10.74 -22.44 16.36
N TRP C 150 -11.98 -22.47 15.91
CA TRP C 150 -13.01 -23.26 16.57
C TRP C 150 -13.14 -24.64 15.92
N LYS C 151 -13.62 -25.60 16.71
CA LYS C 151 -13.82 -26.96 16.23
C LYS C 151 -15.09 -27.53 16.82
N ALA C 152 -15.77 -28.37 16.04
CA ALA C 152 -16.94 -29.11 16.48
C ALA C 152 -16.71 -30.58 16.13
N ASP C 153 -16.31 -31.37 17.13
CA ASP C 153 -15.90 -32.75 16.94
C ASP C 153 -14.75 -32.85 15.92
N SER C 154 -13.68 -32.12 16.24
CA SER C 154 -12.44 -32.08 15.47
C SER C 154 -12.63 -31.54 14.05
N SER C 155 -13.78 -30.95 13.74
CA SER C 155 -14.04 -30.39 12.43
C SER C 155 -14.10 -28.87 12.52
N PRO C 156 -13.38 -28.15 11.67
CA PRO C 156 -13.37 -26.69 11.76
C PRO C 156 -14.75 -26.09 11.54
N VAL C 157 -15.06 -25.07 12.32
CA VAL C 157 -16.32 -24.32 12.19
C VAL C 157 -15.95 -22.87 11.89
N LYS C 158 -16.46 -22.35 10.78
CA LYS C 158 -16.13 -21.01 10.32
C LYS C 158 -17.41 -20.23 10.02
N ALA C 159 -18.41 -20.36 10.88
CA ALA C 159 -19.64 -19.60 10.76
C ALA C 159 -20.12 -19.22 12.15
N GLY C 160 -20.61 -17.98 12.28
CA GLY C 160 -21.04 -17.49 13.56
C GLY C 160 -19.93 -17.21 14.55
N VAL C 161 -18.71 -17.01 14.05
CA VAL C 161 -17.55 -16.76 14.91
C VAL C 161 -17.29 -15.26 14.94
N GLU C 162 -16.95 -14.75 16.12
CA GLU C 162 -16.60 -13.35 16.31
C GLU C 162 -15.45 -13.28 17.30
N THR C 163 -14.35 -12.65 16.88
CA THR C 163 -13.15 -12.52 17.71
C THR C 163 -12.78 -11.05 17.84
N THR C 164 -12.38 -10.67 19.05
CA THR C 164 -11.90 -9.31 19.28
C THR C 164 -10.39 -9.24 19.09
N THR C 165 -9.92 -8.06 18.77
CA THR C 165 -8.47 -7.85 18.69
C THR C 165 -7.91 -7.66 20.10
N PRO C 166 -6.73 -8.21 20.37
CA PRO C 166 -6.18 -8.16 21.74
C PRO C 166 -5.94 -6.73 22.21
N SER C 167 -6.08 -6.54 23.52
CA SER C 167 -5.87 -5.24 24.15
C SER C 167 -5.21 -5.43 25.50
N LYS C 168 -4.62 -4.34 26.01
CA LYS C 168 -3.86 -4.41 27.25
C LYS C 168 -4.77 -4.74 28.43
N GLN C 169 -4.29 -5.63 29.30
CA GLN C 169 -5.05 -6.08 30.47
C GLN C 169 -4.92 -5.10 31.63
N SER C 170 -5.09 -5.60 32.85
CA SER C 170 -4.74 -4.82 34.03
C SER C 170 -3.23 -4.83 34.25
N ASN C 171 -2.55 -5.89 33.85
CA ASN C 171 -1.11 -6.07 34.11
C ASN C 171 -0.28 -5.93 32.84
N ASN C 172 -0.70 -5.06 31.92
CA ASN C 172 0.02 -4.72 30.69
C ASN C 172 0.07 -5.89 29.70
N LYS C 173 -0.20 -7.11 30.16
CA LYS C 173 -0.37 -8.20 29.23
C LYS C 173 -1.64 -7.99 28.40
N TYR C 174 -1.80 -8.80 27.37
CA TYR C 174 -2.94 -8.66 26.47
C TYR C 174 -4.02 -9.68 26.78
N ALA C 175 -5.23 -9.40 26.30
CA ALA C 175 -6.37 -10.30 26.48
C ALA C 175 -7.23 -10.26 25.23
N ALA C 176 -7.77 -11.42 24.86
CA ALA C 176 -8.65 -11.53 23.70
C ALA C 176 -9.78 -12.49 24.03
N SER C 177 -10.88 -12.34 23.29
CA SER C 177 -12.07 -13.16 23.48
C SER C 177 -12.60 -13.56 22.11
N SER C 178 -13.40 -14.62 22.08
CA SER C 178 -13.96 -15.10 20.82
C SER C 178 -15.26 -15.84 21.12
N TYR C 179 -16.31 -15.53 20.36
CA TYR C 179 -17.62 -16.12 20.55
C TYR C 179 -17.99 -16.98 19.36
N LEU C 180 -18.97 -17.85 19.56
CA LEU C 180 -19.46 -18.74 18.51
C LEU C 180 -20.90 -19.08 18.84
N SER C 181 -21.83 -18.52 18.05
CA SER C 181 -23.25 -18.58 18.36
C SER C 181 -23.90 -19.79 17.70
N LEU C 182 -24.63 -20.57 18.50
CA LEU C 182 -25.41 -21.70 18.01
C LEU C 182 -26.88 -21.51 18.37
N THR C 183 -27.68 -22.37 17.80
CA THR C 183 -29.01 -22.70 18.30
C THR C 183 -28.88 -23.82 19.33
N PRO C 184 -29.86 -23.99 20.21
CA PRO C 184 -29.77 -25.11 21.17
C PRO C 184 -29.65 -26.47 20.51
N GLU C 185 -30.04 -26.60 19.24
CA GLU C 185 -29.93 -27.89 18.56
C GLU C 185 -28.51 -28.21 18.12
N GLN C 186 -27.79 -27.23 17.58
CA GLN C 186 -26.40 -27.47 17.18
C GLN C 186 -25.52 -27.79 18.38
N TRP C 187 -25.76 -27.10 19.49
CA TRP C 187 -25.00 -27.37 20.71
C TRP C 187 -25.23 -28.79 21.20
N LYS C 188 -26.48 -29.26 21.15
CA LYS C 188 -26.80 -30.61 21.61
C LYS C 188 -26.50 -31.69 20.58
N SER C 189 -26.21 -31.32 19.33
CA SER C 189 -26.05 -32.29 18.26
C SER C 189 -24.62 -32.81 18.14
N HIS C 190 -23.69 -32.31 18.94
CA HIS C 190 -22.29 -32.70 18.82
C HIS C 190 -21.74 -33.14 20.17
N ARG C 191 -20.79 -34.08 20.13
CA ARG C 191 -20.22 -34.61 21.35
C ARG C 191 -19.47 -33.53 22.13
N SER C 192 -18.74 -32.67 21.43
CA SER C 192 -17.95 -31.64 22.10
C SER C 192 -17.67 -30.51 21.12
N TYR C 193 -17.38 -29.34 21.69
CA TYR C 193 -16.94 -28.17 20.95
C TYR C 193 -15.59 -27.73 21.50
N SER C 194 -14.73 -27.23 20.61
CA SER C 194 -13.35 -26.93 20.97
C SER C 194 -12.98 -25.51 20.55
N CYS C 195 -12.20 -24.84 21.41
CA CYS C 195 -11.62 -23.54 21.12
C CYS C 195 -10.11 -23.69 21.10
N GLN C 196 -9.49 -23.45 19.95
CA GLN C 196 -8.09 -23.76 19.72
C GLN C 196 -7.33 -22.46 19.46
N VAL C 197 -6.42 -22.11 20.38
CA VAL C 197 -5.63 -20.90 20.30
C VAL C 197 -4.20 -21.25 19.93
N THR C 198 -3.56 -20.40 19.15
CA THR C 198 -2.17 -20.57 18.72
C THR C 198 -1.37 -19.33 19.04
N HIS C 199 -0.15 -19.53 19.55
CA HIS C 199 0.70 -18.41 19.97
C HIS C 199 2.16 -18.86 19.90
N GLU C 200 2.93 -18.25 18.99
CA GLU C 200 4.34 -18.55 18.81
C GLU C 200 4.61 -20.03 18.58
N GLY C 201 3.82 -20.63 17.69
CA GLY C 201 3.93 -22.04 17.39
C GLY C 201 3.16 -22.94 18.33
N SER C 202 3.15 -22.61 19.62
CA SER C 202 2.40 -23.37 20.59
C SER C 202 0.90 -23.23 20.34
N THR C 203 0.16 -24.32 20.60
CA THR C 203 -1.27 -24.36 20.37
C THR C 203 -1.96 -24.89 21.62
N VAL C 204 -3.00 -24.18 22.06
CA VAL C 204 -3.78 -24.56 23.24
C VAL C 204 -5.23 -24.78 22.79
N GLU C 205 -5.81 -25.90 23.21
CA GLU C 205 -7.17 -26.27 22.87
C GLU C 205 -7.97 -26.51 24.14
N LYS C 206 -9.17 -25.92 24.20
CA LYS C 206 -10.09 -26.12 25.31
C LYS C 206 -11.41 -26.64 24.77
N THR C 207 -12.02 -27.57 25.52
CA THR C 207 -13.18 -28.30 25.04
C THR C 207 -14.31 -28.24 26.07
N VAL C 208 -15.53 -28.03 25.59
CA VAL C 208 -16.74 -28.12 26.39
C VAL C 208 -17.69 -29.12 25.72
N ALA C 209 -18.41 -29.88 26.54
CA ALA C 209 -19.33 -30.89 26.04
C ALA C 209 -20.70 -30.71 26.65
N PRO C 210 -21.76 -31.10 25.94
CA PRO C 210 -23.11 -31.03 26.51
C PRO C 210 -23.37 -32.03 27.62
N THR C 211 -22.41 -32.90 27.94
CA THR C 211 -22.55 -33.90 28.97
C THR C 211 -23.75 -34.82 28.72
#